data_5EQP
#
_entry.id   5EQP
#
_cell.length_a   55.495
_cell.length_b   120.211
_cell.length_c   130.285
_cell.angle_alpha   90.000
_cell.angle_beta   90.000
_cell.angle_gamma   90.000
#
_symmetry.space_group_name_H-M   'P 21 21 21'
#
loop_
_entity.id
_entity.type
_entity.pdbx_description
1 polymer 'Choline kinase alpha'
2 non-polymer 6-[(4-methyl-1,4-diazepan-1-yl)methyl]quinoline
3 water water
#
_entity_poly.entity_id   1
_entity_poly.type   'polypeptide(L)'
_entity_poly.pdbx_seq_one_letter_code
;GSSHHHHHHSSGLVPRGSPQPPADEQPEPRTRRRAYLWCKEFLPGAWRGLREDEFHISVIRGGLSNMLFQCSLPDTTATL
GDEPRKVLLRLYGAILQMRSCNKEGSEQAQKENEFQGAEAMVLESVMFAILAERSLGPKLYGIFPQGRLEQFIPSRRLDT
EELSLPDISAEIAEKMATFHGMKMPFNKEPKWLFGTMEKYLKEVLRIKFTEESRIKKLHKLLSYNLPLELENLRSLLEST
PSPVVFCHNDCQEGNILLLEGRENSEKQKLMLIDFEYSSYNYRGFDIGNHFCEWMYDYSYEKYPFFRANIRKYPTKKQQL
HFISSYLPAFQNDFENLSTEEKSIIKEEMLLEVNRFALASHFLWGLWSIVQAKISSIEFGYMDYAQARFDAYFHQKRKLG
V
;
_entity_poly.pdbx_strand_id   A,B
#
loop_
_chem_comp.id
_chem_comp.type
_chem_comp.name
_chem_comp.formula
5R9 non-polymer 6-[(4-methyl-1,4-diazepan-1-yl)methyl]quinoline 'C16 H21 N3'
#
# COMPACT_ATOMS: atom_id res chain seq x y z
N GLN A 26 -8.18 28.06 -6.89
CA GLN A 26 -8.30 28.75 -8.20
C GLN A 26 -7.36 28.15 -9.24
N PRO A 27 -7.39 26.83 -9.42
CA PRO A 27 -6.38 26.06 -10.19
C PRO A 27 -6.34 26.43 -11.68
N GLU A 28 -5.39 25.82 -12.39
CA GLU A 28 -5.25 26.05 -13.83
C GLU A 28 -6.13 25.12 -14.63
N PRO A 29 -6.53 25.54 -15.83
CA PRO A 29 -7.42 24.74 -16.67
C PRO A 29 -7.10 23.24 -16.66
N ARG A 30 -5.85 22.87 -16.93
CA ARG A 30 -5.43 21.48 -17.01
C ARG A 30 -5.80 20.73 -15.74
N THR A 31 -5.16 21.11 -14.65
CA THR A 31 -5.48 20.57 -13.34
C THR A 31 -6.82 21.18 -12.90
N ARG A 32 -7.68 20.37 -12.31
CA ARG A 32 -9.09 20.71 -12.09
C ARG A 32 -9.91 20.03 -13.15
N ARG A 33 -9.43 20.06 -14.39
CA ARG A 33 -9.95 19.17 -15.41
C ARG A 33 -9.48 17.75 -15.09
N ARG A 34 -8.21 17.62 -14.79
CA ARG A 34 -7.66 16.33 -14.43
C ARG A 34 -8.11 15.96 -13.03
N ALA A 35 -8.28 16.96 -12.18
CA ALA A 35 -8.79 16.77 -10.83
C ALA A 35 -10.27 16.41 -10.84
N TYR A 36 -11.04 17.07 -11.70
CA TYR A 36 -12.44 16.71 -11.87
C TYR A 36 -12.56 15.23 -12.22
N LEU A 37 -11.76 14.79 -13.20
CA LEU A 37 -11.81 13.41 -13.66
C LEU A 37 -11.44 12.39 -12.58
N TRP A 38 -10.30 12.62 -11.92
CA TRP A 38 -9.88 11.77 -10.81
C TRP A 38 -10.96 11.62 -9.76
N CYS A 39 -11.58 12.75 -9.38
CA CYS A 39 -12.60 12.72 -8.33
C CYS A 39 -13.82 11.93 -8.78
N LYS A 40 -14.26 12.19 -10.01
CA LYS A 40 -15.46 11.59 -10.55
C LYS A 40 -15.29 10.07 -10.73
N GLU A 41 -14.06 9.66 -10.99
CA GLU A 41 -13.79 8.26 -11.30
C GLU A 41 -13.30 7.45 -10.10
N PHE A 42 -12.77 8.12 -9.08
CA PHE A 42 -12.32 7.41 -7.89
C PHE A 42 -13.30 7.48 -6.72
N LEU A 43 -14.13 8.52 -6.68
CA LEU A 43 -14.99 8.75 -5.53
C LEU A 43 -16.40 8.23 -5.76
N PRO A 44 -16.99 7.59 -4.75
CA PRO A 44 -18.33 7.01 -4.87
C PRO A 44 -19.41 8.06 -4.66
N GLY A 45 -20.65 7.71 -4.98
CA GLY A 45 -21.78 8.54 -4.59
C GLY A 45 -22.10 9.62 -5.60
N ALA A 46 -22.41 10.82 -5.10
CA ALA A 46 -22.80 11.94 -5.95
C ALA A 46 -21.66 12.31 -6.90
N TRP A 47 -20.43 12.04 -6.46
CA TRP A 47 -19.27 12.34 -7.27
C TRP A 47 -19.34 11.73 -8.66
N ARG A 48 -19.81 10.50 -8.77
CA ARG A 48 -19.68 9.78 -10.03
C ARG A 48 -20.58 10.34 -11.14
N GLY A 49 -21.66 11.00 -10.74
CA GLY A 49 -22.53 11.64 -11.71
C GLY A 49 -22.33 13.15 -11.76
N LEU A 50 -21.24 13.63 -11.18
CA LEU A 50 -20.98 15.06 -11.08
C LEU A 50 -20.56 15.64 -12.44
N ARG A 51 -21.13 16.78 -12.79
CA ARG A 51 -20.74 17.49 -14.00
C ARG A 51 -19.54 18.38 -13.70
N GLU A 52 -18.81 18.73 -14.74
CA GLU A 52 -17.67 19.61 -14.60
C GLU A 52 -18.09 21.01 -14.14
N ASP A 53 -19.13 21.55 -14.74
CA ASP A 53 -19.54 22.91 -14.43
C ASP A 53 -19.85 23.01 -12.94
N GLU A 54 -20.16 21.88 -12.31
CA GLU A 54 -20.58 21.92 -10.92
C GLU A 54 -19.54 21.29 -9.97
N PHE A 55 -18.29 21.34 -10.40
CA PHE A 55 -17.16 20.85 -9.61
C PHE A 55 -16.38 22.01 -8.99
N HIS A 56 -16.21 21.96 -7.67
CA HIS A 56 -15.47 22.98 -6.93
C HIS A 56 -14.05 22.54 -6.57
N ILE A 57 -13.07 23.35 -6.96
CA ILE A 57 -11.70 23.11 -6.52
C ILE A 57 -10.98 24.41 -6.14
N SER A 58 -10.20 24.35 -5.06
CA SER A 58 -9.40 25.48 -4.62
C SER A 58 -7.99 25.05 -4.27
N VAL A 59 -7.03 25.95 -4.48
CA VAL A 59 -5.64 25.70 -4.10
C VAL A 59 -5.45 25.82 -2.59
N ILE A 60 -4.67 24.90 -2.03
CA ILE A 60 -4.23 25.00 -0.63
C ILE A 60 -2.72 25.26 -0.57
N ARG A 61 -1.98 24.67 -1.50
CA ARG A 61 -0.57 25.01 -1.71
C ARG A 61 -0.21 24.91 -3.20
N GLY A 62 0.50 25.92 -3.70
CA GLY A 62 0.98 25.92 -5.07
C GLY A 62 2.40 25.38 -5.17
N GLY A 63 3.18 25.90 -6.11
CA GLY A 63 4.55 25.43 -6.28
C GLY A 63 4.67 24.38 -7.38
N LEU A 64 5.73 23.58 -7.32
CA LEU A 64 6.01 22.61 -8.39
C LEU A 64 6.02 21.15 -7.94
N SER A 65 6.07 20.92 -6.62
CA SER A 65 6.30 19.56 -6.12
C SER A 65 5.09 18.86 -5.52
N ASN A 66 4.58 19.37 -4.39
CA ASN A 66 3.41 18.74 -3.75
C ASN A 66 2.25 19.72 -3.63
N MET A 67 1.67 20.07 -4.77
CA MET A 67 0.55 21.00 -4.76
C MET A 67 -0.61 20.36 -4.01
N LEU A 68 -1.33 21.17 -3.26
CA LEU A 68 -2.46 20.70 -2.48
C LEU A 68 -3.74 21.39 -2.91
N PHE A 69 -4.80 20.60 -3.10
CA PHE A 69 -6.09 21.16 -3.47
C PHE A 69 -7.22 20.61 -2.64
N GLN A 70 -8.21 21.47 -2.41
CA GLN A 70 -9.47 21.10 -1.81
C GLN A 70 -10.46 20.85 -2.95
N CYS A 71 -11.16 19.71 -2.91
CA CYS A 71 -12.17 19.41 -3.92
C CYS A 71 -13.45 19.14 -3.21
N SER A 72 -14.58 19.57 -3.77
CA SER A 72 -15.85 19.37 -3.10
C SER A 72 -17.07 19.34 -4.00
N LEU A 73 -18.14 18.76 -3.46
CA LEU A 73 -19.46 18.77 -4.06
C LEU A 73 -20.08 20.15 -3.89
N PRO A 74 -20.94 20.56 -4.82
CA PRO A 74 -21.75 21.75 -4.57
C PRO A 74 -22.47 21.56 -3.25
N ASP A 75 -22.78 22.65 -2.57
CA ASP A 75 -23.52 22.57 -1.31
C ASP A 75 -24.97 22.17 -1.57
N THR A 76 -25.46 22.43 -2.78
CA THR A 76 -26.82 22.05 -3.14
C THR A 76 -26.93 20.56 -3.47
N THR A 77 -25.80 19.91 -3.74
CA THR A 77 -25.81 18.49 -4.08
C THR A 77 -25.84 17.62 -2.84
N ALA A 78 -26.63 16.55 -2.89
CA ALA A 78 -26.76 15.67 -1.74
C ALA A 78 -25.88 14.43 -1.88
N THR A 79 -25.19 14.09 -0.80
CA THR A 79 -24.47 12.82 -0.75
C THR A 79 -25.48 11.69 -0.80
N LEU A 80 -25.12 10.62 -1.50
CA LEU A 80 -25.99 9.47 -1.60
C LEU A 80 -25.71 8.51 -0.45
N GLY A 81 -24.44 8.41 -0.07
CA GLY A 81 -24.03 7.45 0.95
C GLY A 81 -22.90 7.93 1.84
N ASP A 82 -21.84 7.13 1.94
CA ASP A 82 -20.67 7.46 2.76
C ASP A 82 -19.90 8.64 2.20
N GLU A 83 -19.91 8.76 0.87
CA GLU A 83 -18.87 9.52 0.19
C GLU A 83 -18.66 10.86 0.88
N PRO A 84 -17.43 11.36 0.86
CA PRO A 84 -17.10 12.63 1.49
C PRO A 84 -17.66 13.77 0.67
N ARG A 85 -17.98 14.88 1.34
CA ARG A 85 -18.44 16.09 0.68
C ARG A 85 -17.26 16.85 0.08
N LYS A 86 -16.09 16.65 0.68
CA LYS A 86 -14.88 17.38 0.31
C LYS A 86 -13.67 16.45 0.49
N VAL A 87 -12.68 16.62 -0.37
CA VAL A 87 -11.47 15.81 -0.29
C VAL A 87 -10.23 16.64 -0.58
N LEU A 88 -9.08 16.08 -0.27
CA LEU A 88 -7.82 16.71 -0.58
C LEU A 88 -7.16 16.01 -1.77
N LEU A 89 -6.85 16.78 -2.81
CA LEU A 89 -6.12 16.29 -3.97
C LEU A 89 -4.66 16.60 -3.71
N ARG A 90 -3.78 15.63 -3.99
CA ARG A 90 -2.35 15.82 -3.82
C ARG A 90 -1.57 15.45 -5.09
N LEU A 91 -0.90 16.43 -5.71
CA LEU A 91 -0.17 16.17 -6.94
C LEU A 91 1.31 16.04 -6.67
N TYR A 92 1.91 14.93 -7.09
CA TYR A 92 3.31 14.66 -6.79
C TYR A 92 4.26 15.63 -7.47
N GLY A 93 3.83 16.21 -8.58
CA GLY A 93 4.66 17.18 -9.28
C GLY A 93 6.03 16.65 -9.69
N ALA A 94 7.05 17.50 -9.57
CA ALA A 94 8.41 17.14 -9.96
C ALA A 94 9.03 16.15 -8.96
N GLU A 119 11.22 4.69 -7.77
CA GLU A 119 10.13 3.92 -7.18
C GLU A 119 10.34 3.67 -5.68
N ALA A 120 10.21 4.73 -4.90
CA ALA A 120 10.06 4.57 -3.47
C ALA A 120 8.63 4.97 -3.17
N MET A 121 7.87 5.18 -4.24
CA MET A 121 6.49 5.58 -4.12
C MET A 121 5.65 4.40 -3.65
N VAL A 122 6.10 3.19 -3.97
CA VAL A 122 5.38 2.00 -3.50
C VAL A 122 5.43 1.93 -1.98
N LEU A 123 6.58 2.29 -1.43
CA LEU A 123 6.74 2.30 0.03
C LEU A 123 5.89 3.38 0.66
N GLU A 124 5.91 4.57 0.08
CA GLU A 124 5.15 5.69 0.61
C GLU A 124 3.66 5.37 0.56
N SER A 125 3.21 4.89 -0.60
CA SER A 125 1.81 4.57 -0.83
C SER A 125 1.33 3.46 0.10
N VAL A 126 2.12 2.39 0.21
CA VAL A 126 1.76 1.29 1.07
C VAL A 126 1.66 1.78 2.51
N MET A 127 2.64 2.58 2.92
CA MET A 127 2.62 3.17 4.24
C MET A 127 1.37 4.01 4.45
N PHE A 128 1.13 4.94 3.50
CA PHE A 128 -0.01 5.84 3.62
C PHE A 128 -1.32 5.08 3.73
N ALA A 129 -1.41 3.96 3.03
CA ALA A 129 -2.60 3.15 3.01
C ALA A 129 -2.78 2.42 4.33
N ILE A 130 -1.67 1.91 4.88
CA ILE A 130 -1.75 1.19 6.13
C ILE A 130 -2.16 2.13 7.28
N LEU A 131 -1.49 3.28 7.40
CA LEU A 131 -1.83 4.24 8.44
C LEU A 131 -3.30 4.62 8.34
N ALA A 132 -3.83 4.65 7.13
CA ALA A 132 -5.25 4.97 6.93
C ALA A 132 -6.19 3.86 7.47
N GLU A 133 -5.92 2.62 7.08
CA GLU A 133 -6.69 1.46 7.56
C GLU A 133 -6.68 1.38 9.08
N ARG A 134 -5.61 1.88 9.67
CA ARG A 134 -5.44 1.83 11.11
C ARG A 134 -5.93 3.10 11.79
N SER A 135 -6.45 4.04 11.00
CA SER A 135 -7.01 5.29 11.54
C SER A 135 -5.95 6.20 12.11
N LEU A 136 -4.70 5.97 11.74
CA LEU A 136 -3.64 6.84 12.20
C LEU A 136 -3.38 8.02 11.26
N GLY A 137 -3.76 7.87 10.00
CA GLY A 137 -3.65 8.97 9.06
C GLY A 137 -4.97 9.30 8.40
N PRO A 138 -4.97 10.20 7.41
CA PRO A 138 -6.19 10.46 6.63
C PRO A 138 -6.55 9.21 5.82
N LYS A 139 -7.85 8.95 5.66
CA LYS A 139 -8.30 7.90 4.73
C LYS A 139 -7.75 8.10 3.32
N LEU A 140 -7.60 6.99 2.59
CA LEU A 140 -7.10 7.01 1.24
C LEU A 140 -8.22 6.68 0.27
N TYR A 141 -8.61 7.66 -0.54
CA TYR A 141 -9.74 7.48 -1.46
C TYR A 141 -9.30 7.13 -2.87
N GLY A 142 -8.10 7.54 -3.24
CA GLY A 142 -7.67 7.25 -4.59
C GLY A 142 -6.17 7.40 -4.72
N ILE A 143 -5.58 6.45 -5.43
CA ILE A 143 -4.17 6.52 -5.70
C ILE A 143 -3.89 6.31 -7.18
N PHE A 144 -3.04 7.16 -7.74
CA PHE A 144 -2.79 7.18 -9.18
C PHE A 144 -1.41 7.80 -9.45
N PRO A 145 -0.90 7.65 -10.68
CA PRO A 145 0.51 8.00 -10.92
C PRO A 145 0.86 9.43 -10.53
N GLN A 146 -0.06 10.36 -10.77
CA GLN A 146 0.25 11.78 -10.60
C GLN A 146 0.05 12.28 -9.18
N GLY A 147 -0.48 11.43 -8.30
CA GLY A 147 -0.82 11.85 -6.95
C GLY A 147 -1.85 10.97 -6.26
N ARG A 148 -2.57 11.51 -5.28
CA ARG A 148 -3.56 10.75 -4.53
C ARG A 148 -4.70 11.61 -4.01
N LEU A 149 -5.83 10.97 -3.74
CA LEU A 149 -6.96 11.62 -3.09
C LEU A 149 -7.07 11.19 -1.63
N GLU A 150 -7.06 12.16 -0.73
CA GLU A 150 -7.04 11.88 0.70
C GLU A 150 -8.26 12.51 1.35
N GLN A 151 -8.56 12.04 2.55
CA GLN A 151 -9.57 12.67 3.39
C GLN A 151 -9.18 14.12 3.66
N PHE A 152 -10.15 15.03 3.57
CA PHE A 152 -9.93 16.39 4.02
C PHE A 152 -10.29 16.43 5.50
N ILE A 153 -9.38 16.95 6.29
CA ILE A 153 -9.58 17.00 7.73
C ILE A 153 -9.58 18.45 8.19
N PRO A 154 -10.75 18.97 8.57
CA PRO A 154 -10.86 20.36 9.05
C PRO A 154 -9.91 20.57 10.21
N SER A 155 -9.03 21.54 10.09
CA SER A 155 -7.93 21.70 11.03
C SER A 155 -7.04 22.83 10.56
N ARG A 156 -6.19 23.30 11.46
CA ARG A 156 -5.05 24.09 11.04
C ARG A 156 -3.82 23.39 11.59
N ARG A 157 -2.65 23.82 11.13
CA ARG A 157 -1.42 23.27 11.66
C ARG A 157 -0.95 24.07 12.87
N LEU A 158 -0.09 23.45 13.68
CA LEU A 158 0.44 24.12 14.87
C LEU A 158 1.43 25.21 14.48
N ASP A 159 1.53 26.24 15.34
CA ASP A 159 2.60 27.22 15.27
C ASP A 159 3.77 26.73 16.14
N THR A 160 4.98 27.23 15.87
CA THR A 160 6.15 26.75 16.58
C THR A 160 6.02 26.96 18.09
N GLU A 161 5.49 28.12 18.49
CA GLU A 161 5.38 28.42 19.91
C GLU A 161 4.26 27.65 20.62
N GLU A 162 3.44 26.93 19.87
CA GLU A 162 2.44 26.05 20.49
C GLU A 162 3.02 24.69 20.86
N LEU A 163 4.21 24.39 20.38
CA LEU A 163 4.85 23.12 20.69
C LEU A 163 5.20 22.99 22.16
N SER A 164 5.32 24.13 22.83
CA SER A 164 5.78 24.16 24.21
C SER A 164 4.63 24.16 25.19
N LEU A 165 3.43 24.46 24.72
CA LEU A 165 2.23 24.34 25.55
C LEU A 165 2.11 22.91 26.07
N PRO A 166 1.93 22.77 27.38
CA PRO A 166 2.06 21.49 28.11
C PRO A 166 1.18 20.37 27.57
N ASP A 167 -0.08 20.69 27.31
CA ASP A 167 -1.03 19.69 26.86
C ASP A 167 -0.69 19.27 25.44
N ILE A 168 -0.37 20.26 24.61
CA ILE A 168 0.04 20.01 23.23
C ILE A 168 1.21 19.03 23.26
N SER A 169 2.25 19.42 23.97
CA SER A 169 3.50 18.67 24.05
C SER A 169 3.25 17.28 24.61
N ALA A 170 2.35 17.19 25.58
CA ALA A 170 2.01 15.90 26.18
C ALA A 170 1.35 15.00 25.16
N GLU A 171 0.40 15.54 24.40
CA GLU A 171 -0.28 14.72 23.41
C GLU A 171 0.62 14.35 22.25
N ILE A 172 1.46 15.28 21.80
CA ILE A 172 2.38 14.97 20.72
C ILE A 172 3.22 13.77 21.13
N ALA A 173 3.63 13.77 22.40
CA ALA A 173 4.42 12.66 22.94
C ALA A 173 3.67 11.34 22.96
N GLU A 174 2.37 11.40 23.24
CA GLU A 174 1.56 10.20 23.23
C GLU A 174 1.40 9.71 21.81
N LYS A 175 1.13 10.64 20.89
CA LYS A 175 0.90 10.28 19.51
C LYS A 175 2.15 9.64 18.94
N MET A 176 3.30 10.25 19.24
CA MET A 176 4.56 9.73 18.76
C MET A 176 4.85 8.33 19.32
N ALA A 177 4.54 8.12 20.59
CA ALA A 177 4.83 6.82 21.21
C ALA A 177 3.96 5.77 20.52
N THR A 178 2.69 6.09 20.38
CA THR A 178 1.76 5.26 19.66
C THR A 178 2.32 4.94 18.28
N PHE A 179 2.70 5.98 17.56
CA PHE A 179 3.24 5.84 16.22
C PHE A 179 4.43 4.88 16.22
N HIS A 180 5.18 4.84 17.31
CA HIS A 180 6.41 4.05 17.38
C HIS A 180 6.15 2.56 17.65
N GLY A 181 4.99 2.26 18.23
CA GLY A 181 4.64 0.88 18.49
C GLY A 181 4.18 0.10 17.27
N MET A 182 4.00 0.77 16.14
CA MET A 182 3.44 0.12 14.96
C MET A 182 4.35 -0.81 14.20
N LYS A 183 3.83 -1.98 13.80
CA LYS A 183 4.55 -2.84 12.87
C LYS A 183 4.31 -2.36 11.44
N MET A 184 5.39 -2.26 10.66
CA MET A 184 5.29 -1.86 9.27
C MET A 184 6.13 -2.80 8.41
N PRO A 185 5.61 -3.15 7.22
CA PRO A 185 6.27 -4.12 6.34
C PRO A 185 7.57 -3.58 5.76
N PHE A 186 8.36 -2.89 6.57
CA PHE A 186 9.58 -2.28 6.07
C PHE A 186 10.82 -2.79 6.82
N ASN A 187 11.98 -2.52 6.22
CA ASN A 187 13.26 -3.01 6.71
C ASN A 187 13.56 -2.45 8.09
N LYS A 188 13.85 -3.34 9.03
CA LYS A 188 13.87 -3.01 10.45
C LYS A 188 15.28 -2.65 10.91
N GLU A 189 16.22 -2.61 9.96
CA GLU A 189 17.59 -2.22 10.26
C GLU A 189 17.73 -0.70 10.25
N PRO A 190 18.31 -0.14 11.33
CA PRO A 190 18.48 1.31 11.53
C PRO A 190 19.53 1.96 10.63
N LYS A 191 19.44 1.71 9.33
CA LYS A 191 20.43 2.22 8.38
C LYS A 191 20.03 3.57 7.79
N TRP A 192 18.80 4.00 8.06
CA TRP A 192 18.25 5.19 7.45
C TRP A 192 19.03 6.45 7.80
N LEU A 193 19.47 6.54 9.06
CA LEU A 193 19.99 7.79 9.60
C LEU A 193 21.36 8.14 9.06
N PHE A 194 22.31 7.22 9.20
CA PHE A 194 23.65 7.46 8.69
C PHE A 194 23.76 7.16 7.21
N GLY A 195 22.90 6.28 6.70
CA GLY A 195 22.83 6.13 5.26
C GLY A 195 22.47 7.44 4.57
N THR A 196 21.40 8.09 5.05
CA THR A 196 20.92 9.31 4.42
C THR A 196 21.94 10.43 4.56
N MET A 197 22.52 10.59 5.75
CA MET A 197 23.52 11.64 5.96
C MET A 197 24.72 11.40 5.04
N GLU A 198 25.16 10.16 4.95
CA GLU A 198 26.24 9.81 4.04
C GLU A 198 25.87 10.18 2.61
N LYS A 199 24.63 9.87 2.23
CA LYS A 199 24.15 10.19 0.90
C LYS A 199 24.19 11.69 0.65
N TYR A 200 23.75 12.47 1.64
CA TYR A 200 23.75 13.91 1.49
C TYR A 200 25.17 14.45 1.52
N LEU A 201 26.00 13.96 2.44
CA LEU A 201 27.38 14.44 2.54
C LEU A 201 28.10 14.29 1.20
N LYS A 202 28.00 13.12 0.61
CA LYS A 202 28.64 12.88 -0.69
C LYS A 202 28.15 13.88 -1.74
N GLU A 203 26.84 14.07 -1.83
CA GLU A 203 26.30 15.04 -2.76
C GLU A 203 26.87 16.42 -2.45
N VAL A 204 26.93 16.76 -1.17
CA VAL A 204 27.36 18.10 -0.75
C VAL A 204 28.78 18.38 -1.20
N LEU A 205 29.64 17.37 -1.11
CA LEU A 205 31.06 17.56 -1.40
C LEU A 205 31.30 17.86 -2.88
N ARG A 206 30.41 17.37 -3.73
CA ARG A 206 30.56 17.59 -5.16
C ARG A 206 29.62 18.63 -5.76
N ILE A 207 29.13 19.59 -4.97
CA ILE A 207 28.34 20.66 -5.56
C ILE A 207 29.09 21.99 -5.59
N LYS A 208 29.07 22.63 -6.75
CA LYS A 208 29.72 23.92 -6.92
C LYS A 208 28.67 24.96 -7.27
N PHE A 209 28.60 26.04 -6.49
CA PHE A 209 27.68 27.14 -6.76
C PHE A 209 28.36 28.14 -7.69
N THR A 210 27.57 28.96 -8.38
CA THR A 210 28.14 30.13 -9.02
C THR A 210 27.99 31.32 -8.08
N GLU A 211 26.85 32.01 -8.16
CA GLU A 211 26.46 33.02 -7.17
C GLU A 211 27.39 33.13 -5.95
N GLU A 212 28.06 34.27 -5.81
CA GLU A 212 29.09 34.46 -4.78
C GLU A 212 28.61 34.09 -3.35
N SER A 213 27.49 34.66 -2.92
CA SER A 213 27.06 34.50 -1.53
C SER A 213 26.83 33.03 -1.17
N ARG A 214 26.25 32.26 -2.09
CA ARG A 214 26.07 30.84 -1.85
C ARG A 214 27.44 30.13 -1.77
N ILE A 215 28.38 30.55 -2.62
CA ILE A 215 29.73 29.98 -2.61
C ILE A 215 30.49 30.16 -1.30
N LYS A 216 30.44 31.38 -0.75
CA LYS A 216 31.10 31.67 0.52
C LYS A 216 30.46 30.84 1.63
N LYS A 217 29.13 30.88 1.71
CA LYS A 217 28.41 30.16 2.75
C LYS A 217 28.73 28.68 2.69
N LEU A 218 28.91 28.16 1.48
CA LEU A 218 29.20 26.73 1.35
C LEU A 218 30.58 26.42 1.91
N HIS A 219 31.55 27.27 1.64
CA HIS A 219 32.90 26.99 2.09
C HIS A 219 33.03 27.07 3.62
N LYS A 220 32.35 28.04 4.24
CA LYS A 220 32.39 28.14 5.69
C LYS A 220 31.82 26.90 6.36
N LEU A 221 30.87 26.27 5.70
CA LEU A 221 30.31 25.01 6.18
C LEU A 221 31.29 23.86 5.97
N LEU A 222 32.03 23.90 4.87
CA LEU A 222 33.03 22.87 4.61
C LEU A 222 34.22 23.02 5.56
N SER A 223 34.52 24.26 5.95
CA SER A 223 35.55 24.55 6.95
C SER A 223 35.57 23.53 8.08
N TYR A 224 34.37 23.11 8.50
CA TYR A 224 34.22 22.30 9.69
C TYR A 224 34.72 20.87 9.51
N ASN A 225 35.11 20.53 8.28
CA ASN A 225 35.46 19.15 7.93
C ASN A 225 34.28 18.25 8.30
N LEU A 226 33.30 18.18 7.40
CA LEU A 226 32.05 17.49 7.71
C LEU A 226 32.20 15.97 7.72
N PRO A 227 33.05 15.43 6.83
CA PRO A 227 33.27 13.98 6.79
C PRO A 227 33.87 13.45 8.10
N LEU A 228 34.80 14.21 8.66
CA LEU A 228 35.35 13.88 9.97
C LEU A 228 34.28 14.05 11.04
N GLU A 229 33.58 15.18 11.01
CA GLU A 229 32.57 15.46 12.01
C GLU A 229 31.47 14.41 11.99
N LEU A 230 31.17 13.90 10.81
CA LEU A 230 30.13 12.89 10.66
C LEU A 230 30.58 11.62 11.37
N GLU A 231 31.85 11.31 11.31
CA GLU A 231 32.35 10.01 11.71
C GLU A 231 32.34 9.72 13.19
N ASN A 232 31.80 10.68 13.92
CA ASN A 232 32.33 10.98 15.24
C ASN A 232 31.16 11.72 15.88
N LEU A 233 30.19 12.15 15.08
CA LEU A 233 28.79 11.84 15.39
C LEU A 233 28.36 10.35 15.48
N ARG A 234 28.84 9.57 14.51
CA ARG A 234 28.60 8.13 14.45
C ARG A 234 29.15 7.45 15.70
N SER A 235 30.41 7.72 16.01
CA SER A 235 31.02 7.07 17.17
C SER A 235 30.24 7.46 18.42
N LEU A 236 29.91 8.75 18.55
CA LEU A 236 29.17 9.20 19.71
C LEU A 236 27.84 8.48 19.84
N LEU A 237 27.17 8.28 18.71
CA LEU A 237 25.82 7.73 18.73
C LEU A 237 25.83 6.20 18.82
N GLU A 238 26.76 5.55 18.13
CA GLU A 238 26.86 4.11 18.21
C GLU A 238 27.26 3.64 19.61
N SER A 239 27.44 4.58 20.52
CA SER A 239 27.66 4.26 21.93
C SER A 239 26.47 4.75 22.77
N THR A 240 25.37 5.05 22.10
CA THR A 240 24.19 5.60 22.77
C THR A 240 23.02 4.70 22.44
N PRO A 241 22.71 3.76 23.33
CA PRO A 241 21.58 2.87 23.01
C PRO A 241 20.32 3.67 22.77
N SER A 242 19.62 3.34 21.68
CA SER A 242 18.25 3.82 21.42
C SER A 242 17.44 2.77 20.67
N PRO A 243 16.25 2.43 21.20
CA PRO A 243 15.40 1.42 20.55
C PRO A 243 15.00 1.79 19.11
N VAL A 244 15.19 0.86 18.18
CA VAL A 244 14.75 1.03 16.79
C VAL A 244 13.25 0.82 16.68
N VAL A 245 12.54 1.82 16.18
CA VAL A 245 11.08 1.78 16.08
C VAL A 245 10.63 2.46 14.80
N PHE A 246 9.33 2.42 14.52
CA PHE A 246 8.86 3.09 13.33
C PHE A 246 8.75 4.59 13.60
N CYS A 247 9.61 5.39 12.95
CA CYS A 247 9.73 6.81 13.26
C CYS A 247 9.07 7.68 12.22
N HIS A 248 8.49 8.80 12.66
CA HIS A 248 8.00 9.83 11.76
C HIS A 248 9.15 10.59 11.07
N ASN A 249 10.16 10.95 11.85
CA ASN A 249 11.39 11.52 11.31
C ASN A 249 11.30 12.98 10.87
N ASP A 250 10.11 13.57 10.92
CA ASP A 250 9.95 14.97 10.51
C ASP A 250 8.85 15.63 11.33
N CYS A 251 8.81 15.32 12.61
CA CYS A 251 7.70 15.76 13.44
C CYS A 251 7.77 17.25 13.83
N GLN A 252 7.71 18.12 12.84
CA GLN A 252 7.66 19.58 13.06
C GLN A 252 6.23 20.11 13.03
N GLU A 253 6.03 21.28 13.66
CA GLU A 253 4.71 21.86 13.83
C GLU A 253 3.85 21.81 12.57
N GLY A 254 4.45 22.06 11.41
CA GLY A 254 3.69 22.06 10.18
C GLY A 254 3.16 20.69 9.79
N ASN A 255 3.49 19.67 10.58
CA ASN A 255 3.05 18.30 10.27
C ASN A 255 2.18 17.75 11.38
N ILE A 256 1.65 18.66 12.18
CA ILE A 256 0.76 18.28 13.25
C ILE A 256 -0.51 19.11 13.11
N LEU A 257 -1.62 18.40 12.92
CA LEU A 257 -2.90 19.03 12.77
C LEU A 257 -3.57 19.24 14.11
N LEU A 258 -4.01 20.48 14.35
CA LEU A 258 -4.94 20.80 15.43
C LEU A 258 -6.35 20.60 14.88
N LEU A 259 -7.00 19.52 15.30
CA LEU A 259 -8.31 19.14 14.75
C LEU A 259 -9.43 20.10 15.15
N GLU A 260 -10.21 20.55 14.16
CA GLU A 260 -11.34 21.44 14.42
C GLU A 260 -12.41 20.77 15.26
N GLY A 261 -13.01 21.56 16.16
CA GLY A 261 -14.05 21.03 17.02
C GLY A 261 -13.48 20.44 18.29
N ARG A 262 -12.16 20.50 18.43
CA ARG A 262 -11.48 19.73 19.46
C ARG A 262 -10.50 20.51 20.33
N GLU A 263 -10.40 21.80 20.06
CA GLU A 263 -9.54 22.67 20.83
C GLU A 263 -9.87 22.63 22.32
N ASN A 264 -10.93 21.91 22.68
CA ASN A 264 -11.29 21.76 24.09
C ASN A 264 -10.77 20.45 24.67
N SER A 265 -10.86 19.36 23.91
CA SER A 265 -10.32 18.08 24.34
C SER A 265 -8.89 18.30 24.83
N GLU A 266 -8.49 17.57 25.86
CA GLU A 266 -7.19 17.82 26.51
C GLU A 266 -6.07 16.92 25.99
N LYS A 267 -6.44 15.72 25.53
CA LYS A 267 -5.46 14.74 25.09
C LYS A 267 -5.73 14.21 23.68
N GLN A 268 -6.78 14.74 23.05
CA GLN A 268 -7.23 14.21 21.76
C GLN A 268 -7.51 15.27 20.70
N LYS A 269 -6.70 16.32 20.62
CA LYS A 269 -6.96 17.33 19.60
C LYS A 269 -5.94 17.39 18.48
N LEU A 270 -5.02 16.44 18.44
CA LEU A 270 -3.97 16.47 17.42
C LEU A 270 -3.87 15.21 16.56
N MET A 271 -3.41 15.39 15.32
CA MET A 271 -3.05 14.29 14.43
C MET A 271 -1.74 14.60 13.69
N LEU A 272 -0.81 13.65 13.75
CA LEU A 272 0.41 13.69 12.97
C LEU A 272 0.15 13.26 11.54
N ILE A 273 0.74 13.98 10.59
CA ILE A 273 0.54 13.73 9.17
C ILE A 273 1.85 13.86 8.40
N ASP A 274 1.80 13.65 7.09
CA ASP A 274 2.96 13.86 6.23
C ASP A 274 4.09 12.93 6.66
N PHE A 275 3.97 11.67 6.28
CA PHE A 275 4.91 10.63 6.73
C PHE A 275 5.94 10.32 5.67
N GLU A 276 6.15 11.28 4.79
CA GLU A 276 7.01 11.12 3.64
C GLU A 276 8.43 10.67 4.01
N TYR A 277 8.91 11.03 5.19
CA TYR A 277 10.28 10.72 5.58
C TYR A 277 10.37 9.53 6.53
N SER A 278 9.22 8.99 6.91
CA SER A 278 9.12 7.92 7.89
C SER A 278 9.93 6.67 7.54
N SER A 279 10.33 5.93 8.57
CA SER A 279 11.13 4.73 8.41
C SER A 279 11.48 4.20 9.80
N TYR A 280 11.90 2.94 9.87
CA TYR A 280 12.43 2.42 11.11
C TYR A 280 13.75 3.14 11.40
N ASN A 281 13.87 3.69 12.59
CA ASN A 281 14.98 4.58 12.92
C ASN A 281 15.12 4.60 14.45
N TYR A 282 16.21 5.18 14.94
CA TYR A 282 16.44 5.26 16.38
C TYR A 282 15.39 6.18 16.96
N ARG A 283 14.68 5.70 17.97
CA ARG A 283 13.64 6.49 18.62
C ARG A 283 14.21 7.84 19.02
N GLY A 284 15.45 7.84 19.49
CA GLY A 284 16.06 9.05 19.96
C GLY A 284 16.08 10.14 18.90
N PHE A 285 16.18 9.75 17.63
CA PHE A 285 16.18 10.73 16.57
C PHE A 285 14.83 11.43 16.51
N ASP A 286 13.77 10.65 16.63
CA ASP A 286 12.43 11.15 16.39
C ASP A 286 12.13 12.20 17.46
N ILE A 287 12.53 11.90 18.68
CA ILE A 287 12.26 12.79 19.79
C ILE A 287 13.22 13.97 19.73
N GLY A 288 14.48 13.69 19.50
CA GLY A 288 15.44 14.78 19.38
C GLY A 288 15.09 15.75 18.27
N ASN A 289 14.68 15.21 17.14
CA ASN A 289 14.34 16.07 16.01
C ASN A 289 13.19 16.97 16.41
N HIS A 290 12.17 16.38 17.06
CA HIS A 290 11.05 17.17 17.51
C HIS A 290 11.48 18.30 18.44
N PHE A 291 12.33 17.97 19.42
CA PHE A 291 12.82 18.98 20.34
C PHE A 291 13.52 20.12 19.56
N CYS A 292 14.34 19.77 18.58
CA CYS A 292 14.99 20.78 17.75
C CYS A 292 13.99 21.71 17.09
N GLU A 293 12.88 21.16 16.61
CA GLU A 293 11.91 21.97 15.91
C GLU A 293 11.30 23.05 16.80
N TRP A 294 11.43 22.91 18.12
CA TRP A 294 10.95 23.98 19.01
C TRP A 294 11.66 25.30 18.68
N MET A 295 12.85 25.19 18.11
CA MET A 295 13.74 26.33 17.95
C MET A 295 13.53 27.01 16.61
N TYR A 296 12.78 26.37 15.72
CA TYR A 296 12.69 26.83 14.33
C TYR A 296 11.28 27.22 13.88
N ASP A 297 11.15 28.46 13.41
CA ASP A 297 9.87 29.03 13.02
C ASP A 297 9.91 29.39 11.53
N TYR A 298 9.07 28.72 10.76
CA TYR A 298 9.16 28.73 9.32
C TYR A 298 8.08 29.62 8.71
N SER A 299 7.36 30.34 9.57
CA SER A 299 6.28 31.24 9.12
C SER A 299 6.79 32.66 8.85
N TYR A 300 8.08 32.87 9.06
CA TYR A 300 8.71 34.17 8.90
C TYR A 300 8.67 34.59 7.42
N GLU A 301 8.27 35.83 7.17
CA GLU A 301 7.78 36.24 5.86
C GLU A 301 8.86 36.83 4.96
N LYS A 302 10.03 37.12 5.52
CA LYS A 302 11.14 37.64 4.71
C LYS A 302 12.30 36.67 4.71
N TYR A 303 13.17 36.81 3.71
CA TYR A 303 14.39 36.03 3.61
C TYR A 303 15.15 36.04 4.94
N PRO A 304 15.71 34.90 5.36
CA PRO A 304 15.74 33.58 4.72
C PRO A 304 14.49 32.76 5.01
N PHE A 305 13.46 33.43 5.53
CA PHE A 305 12.14 32.83 5.72
C PHE A 305 12.02 31.83 6.86
N PHE A 306 12.90 31.96 7.85
CA PHE A 306 12.76 31.25 9.11
C PHE A 306 13.42 32.07 10.22
N ARG A 307 13.03 31.80 11.45
CA ARG A 307 13.79 32.27 12.61
C ARG A 307 14.33 31.10 13.43
N ALA A 308 15.64 31.11 13.67
CA ALA A 308 16.26 30.20 14.63
C ALA A 308 16.38 30.91 15.97
N ASN A 309 15.96 30.26 17.05
CA ASN A 309 16.21 30.76 18.40
C ASN A 309 16.62 29.60 19.32
N ILE A 310 17.93 29.47 19.55
CA ILE A 310 18.48 28.33 20.26
C ILE A 310 17.89 28.21 21.66
N ARG A 311 17.37 29.32 22.15
CA ARG A 311 17.01 29.42 23.54
C ARG A 311 15.54 29.04 23.74
N LYS A 312 14.88 28.68 22.65
CA LYS A 312 13.54 28.12 22.68
C LYS A 312 13.55 26.59 22.75
N TYR A 313 14.74 26.01 22.72
CA TYR A 313 14.91 24.57 22.90
C TYR A 313 14.31 24.24 24.24
N PRO A 314 13.66 23.07 24.36
CA PRO A 314 12.98 22.80 25.62
C PRO A 314 13.97 22.72 26.78
N THR A 315 13.55 23.21 27.93
CA THR A 315 14.32 23.05 29.15
C THR A 315 14.22 21.60 29.60
N LYS A 316 15.07 21.23 30.54
CA LYS A 316 15.12 19.87 31.07
C LYS A 316 13.76 19.52 31.64
N LYS A 317 13.12 20.50 32.27
CA LYS A 317 11.81 20.34 32.90
C LYS A 317 10.77 20.06 31.84
N GLN A 318 10.89 20.78 30.72
CA GLN A 318 9.98 20.59 29.60
C GLN A 318 10.23 19.25 28.90
N GLN A 319 11.48 18.85 28.77
CA GLN A 319 11.81 17.54 28.17
C GLN A 319 11.24 16.41 29.01
N LEU A 320 11.33 16.58 30.33
CA LEU A 320 10.89 15.53 31.23
C LEU A 320 9.38 15.41 31.12
N HIS A 321 8.72 16.54 30.92
CA HIS A 321 7.28 16.57 30.83
C HIS A 321 6.82 15.87 29.55
N PHE A 322 7.65 15.92 28.51
CA PHE A 322 7.37 15.24 27.25
C PHE A 322 7.45 13.71 27.39
N ILE A 323 8.59 13.22 27.87
CA ILE A 323 8.81 11.78 27.97
C ILE A 323 8.05 11.16 29.14
N SER A 324 7.53 12.00 30.03
CA SER A 324 6.64 11.53 31.08
C SER A 324 5.31 11.07 30.51
N SER A 325 4.89 11.70 29.41
CA SER A 325 3.74 11.21 28.66
C SER A 325 4.15 10.11 27.69
N TYR A 326 5.34 10.25 27.13
CA TYR A 326 5.78 9.28 26.14
C TYR A 326 5.88 7.89 26.73
N LEU A 327 6.58 7.77 27.85
CA LEU A 327 6.96 6.45 28.35
C LEU A 327 5.79 5.56 28.76
N PRO A 328 4.80 6.10 29.49
CA PRO A 328 3.62 5.27 29.78
C PRO A 328 2.80 4.95 28.53
N ALA A 329 2.93 5.81 27.52
CA ALA A 329 2.22 5.62 26.25
C ALA A 329 2.94 4.66 25.31
N PHE A 330 4.21 4.38 25.60
CA PHE A 330 5.01 3.54 24.73
C PHE A 330 5.17 2.12 25.26
N GLN A 331 5.21 1.96 26.58
CA GLN A 331 5.30 0.64 27.17
C GLN A 331 4.35 0.47 28.35
N ASN A 332 3.98 -0.78 28.60
CA ASN A 332 2.91 -1.11 29.54
C ASN A 332 3.23 -0.85 31.01
N ASP A 333 4.15 -1.63 31.54
CA ASP A 333 4.41 -1.65 32.97
C ASP A 333 4.85 -0.28 33.52
N PHE A 334 5.42 0.56 32.67
CA PHE A 334 6.19 1.70 33.13
C PHE A 334 5.53 2.46 34.26
N GLU A 335 4.24 2.76 34.09
CA GLU A 335 3.51 3.55 35.07
C GLU A 335 3.80 3.09 36.50
N ASN A 336 3.89 1.77 36.70
CA ASN A 336 4.06 1.21 38.03
C ASN A 336 5.40 0.49 38.24
N LEU A 337 6.47 1.08 37.71
CA LEU A 337 7.82 0.69 38.11
C LEU A 337 8.21 1.52 39.33
N SER A 338 9.32 1.14 39.98
CA SER A 338 9.78 1.85 41.16
C SER A 338 10.13 3.28 40.81
N THR A 339 9.55 4.23 41.54
CA THR A 339 9.79 5.64 41.29
C THR A 339 11.29 5.94 41.24
N GLU A 340 12.09 4.98 41.71
CA GLU A 340 13.54 5.06 41.59
C GLU A 340 14.03 4.59 40.22
N GLU A 341 13.35 3.62 39.63
CA GLU A 341 13.79 3.10 38.34
C GLU A 341 13.20 3.93 37.21
N LYS A 342 12.05 4.53 37.46
CA LYS A 342 11.47 5.47 36.50
C LYS A 342 12.47 6.56 36.21
N SER A 343 13.12 7.06 37.25
CA SER A 343 14.01 8.20 37.13
C SER A 343 15.29 7.81 36.42
N ILE A 344 15.75 6.59 36.63
CA ILE A 344 16.90 6.08 35.91
C ILE A 344 16.60 6.03 34.42
N ILE A 345 15.40 5.57 34.09
CA ILE A 345 14.98 5.45 32.70
C ILE A 345 14.91 6.81 32.01
N LYS A 346 14.29 7.77 32.68
CA LYS A 346 14.08 9.10 32.14
C LYS A 346 15.41 9.81 31.88
N GLU A 347 16.32 9.74 32.85
CA GLU A 347 17.57 10.49 32.81
C GLU A 347 18.48 10.00 31.70
N GLU A 348 18.48 8.69 31.47
CA GLU A 348 19.20 8.09 30.36
C GLU A 348 18.55 8.48 29.01
N MET A 349 17.23 8.48 28.97
CA MET A 349 16.51 8.85 27.76
C MET A 349 16.85 10.28 27.33
N LEU A 350 17.00 11.18 28.31
CA LEU A 350 17.31 12.57 28.00
C LEU A 350 18.69 12.74 27.38
N LEU A 351 19.67 12.02 27.92
CA LEU A 351 21.00 11.97 27.34
C LEU A 351 20.86 11.41 25.93
N GLU A 352 20.03 10.38 25.81
CA GLU A 352 19.81 9.73 24.52
C GLU A 352 19.23 10.70 23.51
N VAL A 353 18.10 11.35 23.85
CA VAL A 353 17.38 12.17 22.86
C VAL A 353 18.14 13.44 22.55
N ASN A 354 18.86 13.98 23.54
CA ASN A 354 19.69 15.15 23.30
C ASN A 354 20.94 14.86 22.48
N ARG A 355 21.46 13.64 22.58
CA ARG A 355 22.60 13.25 21.76
C ARG A 355 22.18 13.02 20.33
N PHE A 356 21.01 12.44 20.16
CA PHE A 356 20.48 12.17 18.84
C PHE A 356 19.97 13.45 18.19
N ALA A 357 19.69 14.47 19.01
CA ALA A 357 19.29 15.77 18.49
C ALA A 357 20.43 16.36 17.66
N LEU A 358 21.64 15.88 17.90
CA LEU A 358 22.79 16.34 17.13
C LEU A 358 22.69 15.79 15.71
N ALA A 359 22.07 14.61 15.56
CA ALA A 359 21.86 14.01 14.24
C ALA A 359 20.79 14.78 13.46
N SER A 360 19.78 15.27 14.18
CA SER A 360 18.79 16.16 13.59
C SER A 360 19.47 17.38 12.97
N HIS A 361 20.27 18.10 13.73
CA HIS A 361 20.99 19.24 13.18
C HIS A 361 21.88 18.86 11.98
N PHE A 362 22.67 17.81 12.13
CA PHE A 362 23.57 17.38 11.07
C PHE A 362 22.82 16.94 9.82
N LEU A 363 21.80 16.11 10.00
CA LEU A 363 21.06 15.59 8.86
C LEU A 363 20.39 16.71 8.07
N TRP A 364 19.63 17.55 8.77
CA TRP A 364 18.86 18.56 8.06
C TRP A 364 19.74 19.70 7.58
N GLY A 365 20.87 19.89 8.24
CA GLY A 365 21.84 20.83 7.71
C GLY A 365 22.36 20.37 6.36
N LEU A 366 22.73 19.10 6.27
CA LEU A 366 23.24 18.54 5.02
C LEU A 366 22.15 18.55 3.95
N TRP A 367 20.98 18.07 4.32
CA TRP A 367 19.80 18.10 3.45
C TRP A 367 19.57 19.52 2.91
N SER A 368 19.64 20.51 3.80
CA SER A 368 19.38 21.88 3.41
C SER A 368 20.37 22.38 2.35
N ILE A 369 21.63 21.96 2.46
CA ILE A 369 22.65 22.37 1.49
C ILE A 369 22.33 21.75 0.12
N VAL A 370 21.89 20.49 0.15
CA VAL A 370 21.47 19.82 -1.07
C VAL A 370 20.29 20.54 -1.71
N GLN A 371 19.34 21.00 -0.89
CA GLN A 371 18.18 21.73 -1.38
C GLN A 371 18.55 23.05 -2.05
N ALA A 372 19.63 23.67 -1.58
CA ALA A 372 20.06 24.96 -2.12
C ALA A 372 20.47 24.83 -3.59
N LYS A 373 20.93 23.64 -3.96
CA LYS A 373 21.40 23.42 -5.33
C LYS A 373 20.20 23.10 -6.22
N ILE A 374 19.32 22.22 -5.75
CA ILE A 374 18.28 21.65 -6.60
C ILE A 374 16.90 22.28 -6.45
N SER A 375 16.58 22.79 -5.26
CA SER A 375 15.26 23.35 -5.03
C SER A 375 15.12 24.78 -5.58
N SER A 376 13.93 25.10 -6.05
CA SER A 376 13.65 26.40 -6.66
C SER A 376 12.83 27.22 -5.68
N ILE A 377 12.30 26.55 -4.67
CA ILE A 377 11.43 27.17 -3.68
C ILE A 377 12.14 28.33 -2.97
N GLU A 378 11.42 29.41 -2.77
CA GLU A 378 11.96 30.58 -2.12
C GLU A 378 12.15 30.32 -0.63
N PHE A 379 13.38 30.03 -0.23
CA PHE A 379 13.69 29.71 1.16
C PHE A 379 15.19 29.80 1.32
N GLY A 380 15.65 30.43 2.40
CA GLY A 380 17.08 30.58 2.61
C GLY A 380 17.71 29.28 3.06
N TYR A 381 17.89 28.35 2.13
CA TYR A 381 18.43 27.04 2.47
C TYR A 381 19.83 27.10 3.06
N MET A 382 20.70 27.94 2.49
CA MET A 382 22.06 27.99 3.00
C MET A 382 22.05 28.61 4.40
N ASP A 383 21.41 29.75 4.56
CA ASP A 383 21.28 30.33 5.88
C ASP A 383 20.74 29.30 6.87
N TYR A 384 19.71 28.55 6.46
CA TYR A 384 19.15 27.53 7.32
C TYR A 384 20.14 26.41 7.59
N ALA A 385 21.04 26.18 6.64
CA ALA A 385 22.06 25.14 6.81
C ALA A 385 22.98 25.54 7.95
N GLN A 386 23.40 26.79 7.94
CA GLN A 386 24.33 27.33 8.92
C GLN A 386 23.67 27.31 10.29
N ALA A 387 22.39 27.67 10.34
CA ALA A 387 21.71 27.72 11.63
C ALA A 387 21.70 26.34 12.30
N ARG A 388 21.40 25.29 11.54
CA ARG A 388 21.40 23.94 12.10
C ARG A 388 22.79 23.58 12.61
N PHE A 389 23.82 23.93 11.84
CA PHE A 389 25.18 23.63 12.24
C PHE A 389 25.65 24.50 13.41
N ASP A 390 25.15 25.73 13.50
CA ASP A 390 25.36 26.53 14.70
C ASP A 390 24.81 25.79 15.91
N ALA A 391 23.61 25.24 15.76
CA ALA A 391 22.94 24.59 16.86
C ALA A 391 23.68 23.31 17.16
N TYR A 392 24.23 22.70 16.11
CA TYR A 392 24.98 21.45 16.26
C TYR A 392 26.14 21.68 17.23
N PHE A 393 27.00 22.64 16.90
CA PHE A 393 28.19 22.90 17.72
C PHE A 393 27.86 23.48 19.08
N HIS A 394 26.85 24.35 19.15
CA HIS A 394 26.36 24.85 20.43
C HIS A 394 25.83 23.71 21.34
N GLN A 395 24.97 22.85 20.81
CA GLN A 395 24.49 21.69 21.55
C GLN A 395 25.64 20.77 21.98
N LYS A 396 26.62 20.57 21.09
CA LYS A 396 27.81 19.80 21.43
C LYS A 396 28.48 20.41 22.65
N ARG A 397 28.65 21.73 22.62
CA ARG A 397 29.24 22.45 23.75
C ARG A 397 28.42 22.25 25.02
N LYS A 398 27.10 22.32 24.89
CA LYS A 398 26.20 22.05 26.00
C LYS A 398 26.52 20.71 26.64
N LEU A 399 26.82 19.71 25.82
CA LEU A 399 26.87 18.34 26.31
C LEU A 399 28.27 17.89 26.72
N GLY A 400 29.26 18.70 26.42
CA GLY A 400 30.64 18.30 26.70
C GLY A 400 31.06 17.07 25.92
N VAL A 401 30.42 16.84 24.77
CA VAL A 401 30.81 15.77 23.86
C VAL A 401 31.50 16.34 22.62
N GLN B 26 15.46 -27.30 -1.81
CA GLN B 26 16.56 -26.29 -1.66
C GLN B 26 16.91 -25.53 -2.98
N PRO B 27 17.12 -24.21 -2.88
CA PRO B 27 17.52 -23.17 -3.85
C PRO B 27 19.02 -23.09 -4.15
N GLU B 28 19.40 -22.10 -4.96
CA GLU B 28 20.82 -21.93 -5.34
C GLU B 28 21.50 -20.95 -4.41
N PRO B 29 22.83 -20.92 -4.40
CA PRO B 29 23.55 -20.08 -3.42
C PRO B 29 23.20 -18.60 -3.52
N ARG B 30 22.97 -18.14 -4.75
CA ARG B 30 22.79 -16.73 -5.03
C ARG B 30 21.54 -16.13 -4.38
N THR B 31 20.95 -16.91 -3.48
CA THR B 31 19.62 -16.70 -2.96
C THR B 31 19.65 -17.38 -1.63
N ARG B 32 18.53 -17.46 -0.93
CA ARG B 32 18.67 -18.07 0.38
C ARG B 32 19.52 -17.17 1.29
N ARG B 33 20.63 -16.66 0.76
CA ARG B 33 21.32 -15.54 1.37
C ARG B 33 20.52 -14.25 1.23
N ARG B 34 20.06 -13.96 0.01
CA ARG B 34 19.18 -12.81 -0.17
C ARG B 34 17.96 -13.02 0.69
N ALA B 35 17.44 -14.24 0.65
CA ALA B 35 16.28 -14.62 1.45
C ALA B 35 16.62 -14.55 2.93
N TYR B 36 17.87 -14.84 3.25
CA TYR B 36 18.33 -14.80 4.64
C TYR B 36 18.29 -13.36 5.13
N LEU B 37 18.86 -12.46 4.34
CA LEU B 37 18.95 -11.06 4.70
C LEU B 37 17.55 -10.44 4.83
N TRP B 38 16.71 -10.66 3.82
CA TRP B 38 15.35 -10.18 3.84
C TRP B 38 14.60 -10.61 5.09
N CYS B 39 14.65 -11.89 5.43
CA CYS B 39 14.01 -12.34 6.66
C CYS B 39 14.65 -11.71 7.90
N LYS B 40 15.98 -11.65 7.93
CA LYS B 40 16.68 -11.16 9.12
C LYS B 40 16.44 -9.67 9.33
N GLU B 41 16.30 -8.95 8.23
CA GLU B 41 16.12 -7.50 8.31
C GLU B 41 14.66 -7.07 8.45
N PHE B 42 13.74 -7.83 7.85
CA PHE B 42 12.33 -7.44 7.80
C PHE B 42 11.43 -8.05 8.87
N LEU B 43 11.88 -9.11 9.53
CA LEU B 43 11.06 -9.75 10.56
C LEU B 43 11.59 -9.53 11.97
N PRO B 44 10.69 -9.29 12.94
CA PRO B 44 11.04 -9.09 14.35
C PRO B 44 11.44 -10.38 15.06
N GLY B 45 11.62 -10.30 16.38
CA GLY B 45 11.85 -11.48 17.20
C GLY B 45 13.11 -12.25 16.85
N ALA B 46 13.03 -13.58 16.98
CA ALA B 46 14.18 -14.46 16.75
C ALA B 46 14.88 -14.16 15.42
N TRP B 47 14.11 -13.74 14.42
CA TRP B 47 14.66 -13.49 13.10
C TRP B 47 15.77 -12.44 13.12
N ARG B 48 15.78 -11.64 14.17
CA ARG B 48 16.66 -10.48 14.24
C ARG B 48 18.09 -10.89 14.54
N GLY B 49 18.26 -11.90 15.38
CA GLY B 49 19.59 -12.37 15.71
C GLY B 49 20.01 -13.62 14.96
N LEU B 50 19.18 -14.07 14.03
CA LEU B 50 19.37 -15.37 13.40
C LEU B 50 20.64 -15.40 12.55
N ARG B 51 21.37 -16.51 12.62
CA ARG B 51 22.58 -16.72 11.83
C ARG B 51 22.29 -17.41 10.50
N GLU B 52 23.13 -17.12 9.50
CA GLU B 52 22.93 -17.63 8.14
C GLU B 52 22.92 -19.16 8.08
N ASP B 53 23.46 -19.80 9.10
CA ASP B 53 23.50 -21.26 9.16
C ASP B 53 22.31 -21.80 9.95
N GLU B 54 21.54 -20.90 10.56
CA GLU B 54 20.30 -21.26 11.23
C GLU B 54 19.09 -21.10 10.32
N PHE B 55 19.29 -20.43 9.19
CA PHE B 55 18.21 -20.16 8.24
C PHE B 55 17.71 -21.45 7.58
N HIS B 56 16.40 -21.66 7.62
CA HIS B 56 15.75 -22.75 6.87
C HIS B 56 14.90 -22.20 5.73
N ILE B 57 15.21 -22.61 4.50
CA ILE B 57 14.40 -22.22 3.35
C ILE B 57 14.30 -23.34 2.34
N SER B 58 13.10 -23.54 1.81
CA SER B 58 12.85 -24.52 0.76
C SER B 58 11.90 -23.91 -0.28
N VAL B 59 11.88 -24.51 -1.47
CA VAL B 59 11.02 -24.01 -2.53
C VAL B 59 9.57 -24.49 -2.37
N ILE B 60 8.63 -23.59 -2.60
CA ILE B 60 7.21 -23.94 -2.65
C ILE B 60 6.80 -24.04 -4.12
N ARG B 61 7.29 -23.09 -4.91
CA ARG B 61 7.11 -23.10 -6.37
C ARG B 61 8.28 -22.35 -7.01
N GLY B 62 9.02 -23.01 -7.89
CA GLY B 62 10.15 -22.35 -8.49
C GLY B 62 9.77 -21.62 -9.76
N GLY B 63 10.65 -21.68 -10.75
CA GLY B 63 10.35 -21.12 -12.05
C GLY B 63 11.02 -19.78 -12.30
N LEU B 64 10.62 -19.09 -13.38
CA LEU B 64 11.23 -17.82 -13.77
C LEU B 64 10.60 -16.57 -13.14
N SER B 65 9.31 -16.65 -12.80
CA SER B 65 8.58 -15.49 -12.28
C SER B 65 7.60 -15.85 -11.16
N ASN B 66 7.54 -14.99 -10.16
CA ASN B 66 6.72 -15.23 -8.98
C ASN B 66 7.06 -16.55 -8.31
N MET B 67 8.31 -16.69 -7.88
CA MET B 67 8.73 -17.89 -7.18
C MET B 67 8.38 -17.81 -5.69
N LEU B 68 7.80 -18.89 -5.18
CA LEU B 68 7.40 -18.96 -3.79
C LEU B 68 8.42 -19.73 -2.96
N PHE B 69 8.66 -19.29 -1.73
CA PHE B 69 9.58 -19.97 -0.85
C PHE B 69 9.01 -20.07 0.56
N GLN B 70 9.45 -21.07 1.29
CA GLN B 70 9.03 -21.23 2.69
C GLN B 70 10.24 -21.10 3.61
N CYS B 71 10.29 -20.02 4.38
CA CYS B 71 11.40 -19.79 5.30
C CYS B 71 10.92 -20.00 6.72
N SER B 72 11.78 -20.56 7.56
CA SER B 72 11.37 -20.93 8.91
C SER B 72 12.52 -20.91 9.91
N LEU B 73 12.18 -20.63 11.17
CA LEU B 73 13.14 -20.65 12.27
C LEU B 73 13.49 -22.08 12.62
N PRO B 74 14.69 -22.30 13.21
CA PRO B 74 14.99 -23.62 13.77
C PRO B 74 13.89 -24.01 14.75
N ASP B 75 13.37 -25.23 14.62
CA ASP B 75 12.34 -25.70 15.54
C ASP B 75 12.89 -25.60 16.96
N THR B 76 14.21 -25.62 17.05
CA THR B 76 14.92 -25.51 18.32
C THR B 76 15.15 -24.06 18.70
N THR B 77 14.45 -23.16 18.02
CA THR B 77 14.52 -21.73 18.34
C THR B 77 13.18 -21.23 18.86
N ALA B 78 13.17 -20.70 20.08
CA ALA B 78 11.95 -20.13 20.63
C ALA B 78 11.73 -18.72 20.09
N THR B 79 10.47 -18.37 19.86
CA THR B 79 10.13 -17.03 19.37
C THR B 79 10.17 -16.05 20.52
N LEU B 80 10.65 -14.84 20.26
CA LEU B 80 10.79 -13.84 21.30
C LEU B 80 9.50 -13.09 21.56
N GLY B 81 8.66 -12.99 20.52
CA GLY B 81 7.41 -12.26 20.65
C GLY B 81 6.26 -12.93 19.94
N ASP B 82 5.50 -12.17 19.16
CA ASP B 82 4.41 -12.73 18.38
C ASP B 82 4.81 -12.89 16.92
N GLU B 83 6.09 -12.70 16.62
CA GLU B 83 6.59 -12.83 15.26
C GLU B 83 6.34 -14.26 14.76
N PRO B 84 6.22 -14.41 13.43
CA PRO B 84 5.91 -15.69 12.78
C PRO B 84 7.08 -16.68 12.79
N ARG B 85 6.78 -17.96 12.98
CA ARG B 85 7.80 -19.01 12.93
C ARG B 85 8.15 -19.33 11.48
N LYS B 86 7.16 -19.24 10.61
CA LYS B 86 7.30 -19.60 9.20
C LYS B 86 6.67 -18.49 8.33
N VAL B 87 7.32 -18.15 7.21
CA VAL B 87 6.79 -17.13 6.32
C VAL B 87 6.90 -17.52 4.86
N LEU B 88 6.05 -16.91 4.04
CA LEU B 88 6.11 -17.10 2.61
C LEU B 88 6.92 -15.96 2.01
N LEU B 89 7.92 -16.31 1.21
CA LEU B 89 8.63 -15.30 0.42
C LEU B 89 8.20 -15.39 -1.03
N ARG B 90 7.92 -14.23 -1.62
CA ARG B 90 7.52 -14.17 -3.02
C ARG B 90 8.53 -13.30 -3.75
N LEU B 91 9.09 -13.83 -4.84
CA LEU B 91 9.98 -13.04 -5.69
C LEU B 91 9.29 -12.70 -6.99
N TYR B 92 9.10 -11.40 -7.24
CA TYR B 92 8.47 -10.95 -8.48
C TYR B 92 9.14 -11.57 -9.70
N GLY B 93 10.46 -11.74 -9.61
CA GLY B 93 11.19 -12.38 -10.70
C GLY B 93 11.60 -11.42 -11.81
N MET B 121 2.17 -2.22 -10.24
CA MET B 121 3.37 -1.66 -9.62
C MET B 121 3.04 -1.24 -8.19
N VAL B 122 2.57 -0.01 -8.05
CA VAL B 122 2.15 0.54 -6.77
C VAL B 122 0.79 0.01 -6.32
N LEU B 123 -0.09 -0.24 -7.29
CA LEU B 123 -1.46 -0.65 -6.99
C LEU B 123 -1.47 -2.03 -6.35
N GLU B 124 -0.77 -2.97 -6.99
CA GLU B 124 -0.65 -4.34 -6.50
C GLU B 124 -0.25 -4.35 -5.03
N SER B 125 0.69 -3.48 -4.66
CA SER B 125 1.21 -3.47 -3.31
C SER B 125 0.20 -2.87 -2.32
N VAL B 126 -0.41 -1.75 -2.71
CA VAL B 126 -1.36 -1.06 -1.86
C VAL B 126 -2.50 -2.03 -1.56
N MET B 127 -2.88 -2.76 -2.59
CA MET B 127 -4.03 -3.65 -2.47
C MET B 127 -3.73 -4.79 -1.50
N PHE B 128 -2.56 -5.39 -1.63
CA PHE B 128 -2.19 -6.50 -0.76
C PHE B 128 -2.09 -6.02 0.69
N ALA B 129 -1.54 -4.83 0.90
CA ALA B 129 -1.43 -4.26 2.23
C ALA B 129 -2.83 -4.04 2.82
N ILE B 130 -3.73 -3.51 2.01
CA ILE B 130 -5.07 -3.25 2.50
C ILE B 130 -5.80 -4.56 2.85
N LEU B 131 -5.83 -5.52 1.93
CA LEU B 131 -6.50 -6.80 2.20
C LEU B 131 -5.92 -7.40 3.45
N ALA B 132 -4.61 -7.28 3.60
CA ALA B 132 -3.95 -7.75 4.82
C ALA B 132 -4.46 -7.02 6.06
N GLU B 133 -4.57 -5.70 6.01
CA GLU B 133 -5.01 -4.96 7.18
C GLU B 133 -6.43 -5.36 7.57
N ARG B 134 -7.25 -5.72 6.59
CA ARG B 134 -8.65 -6.05 6.84
C ARG B 134 -8.84 -7.54 7.08
N SER B 135 -7.76 -8.28 7.29
CA SER B 135 -7.86 -9.72 7.45
C SER B 135 -8.59 -10.41 6.30
N LEU B 136 -8.56 -9.83 5.11
CA LEU B 136 -9.04 -10.53 3.92
C LEU B 136 -7.92 -11.31 3.23
N GLY B 137 -6.68 -11.02 3.61
CA GLY B 137 -5.56 -11.62 2.90
C GLY B 137 -4.45 -12.07 3.83
N PRO B 138 -3.44 -12.75 3.29
CA PRO B 138 -2.30 -13.08 4.14
C PRO B 138 -1.73 -11.77 4.66
N LYS B 139 -1.21 -11.79 5.89
CA LYS B 139 -0.54 -10.63 6.45
C LYS B 139 0.66 -10.24 5.61
N LEU B 140 0.99 -8.95 5.56
CA LEU B 140 2.18 -8.48 4.85
C LEU B 140 3.29 -8.20 5.86
N TYR B 141 4.33 -9.01 5.84
CA TYR B 141 5.40 -8.90 6.83
C TYR B 141 6.54 -8.06 6.33
N GLY B 142 6.67 -7.95 5.01
CA GLY B 142 7.75 -7.15 4.47
C GLY B 142 7.61 -6.96 2.98
N ILE B 143 8.03 -5.80 2.50
CA ILE B 143 7.93 -5.48 1.08
C ILE B 143 9.16 -4.73 0.57
N PHE B 144 9.61 -5.13 -0.62
CA PHE B 144 10.86 -4.62 -1.19
C PHE B 144 10.85 -4.75 -2.71
N PRO B 145 11.80 -4.09 -3.39
CA PRO B 145 11.71 -3.91 -4.85
C PRO B 145 11.58 -5.20 -5.65
N GLN B 146 12.20 -6.28 -5.18
CA GLN B 146 12.18 -7.54 -5.92
C GLN B 146 11.37 -8.67 -5.26
N GLY B 147 10.33 -8.31 -4.52
CA GLY B 147 9.46 -9.31 -3.92
C GLY B 147 8.88 -8.86 -2.59
N ARG B 148 8.23 -9.77 -1.89
CA ARG B 148 7.75 -9.48 -0.54
C ARG B 148 7.64 -10.71 0.36
N LEU B 149 7.59 -10.46 1.65
CA LEU B 149 7.37 -11.51 2.65
C LEU B 149 5.93 -11.49 3.10
N GLU B 150 5.28 -12.65 3.02
CA GLU B 150 3.86 -12.79 3.35
C GLU B 150 3.65 -13.86 4.40
N GLN B 151 2.55 -13.77 5.13
CA GLN B 151 2.14 -14.84 6.05
C GLN B 151 2.13 -16.21 5.35
N PHE B 152 2.57 -17.25 6.06
CA PHE B 152 2.43 -18.61 5.55
C PHE B 152 1.18 -19.23 6.12
N ILE B 153 0.24 -19.56 5.24
CA ILE B 153 -1.04 -20.09 5.66
C ILE B 153 -1.03 -21.60 5.39
N PRO B 154 -0.99 -22.39 6.46
CA PRO B 154 -1.11 -23.86 6.35
C PRO B 154 -2.39 -24.24 5.63
N SER B 155 -2.25 -24.87 4.47
CA SER B 155 -3.38 -25.13 3.60
C SER B 155 -2.95 -25.87 2.34
N ARG B 156 -3.96 -26.27 1.57
CA ARG B 156 -3.78 -26.67 0.18
C ARG B 156 -4.74 -25.86 -0.68
N ARG B 157 -4.51 -25.85 -1.98
CA ARG B 157 -5.45 -25.33 -2.96
C ARG B 157 -6.65 -26.27 -3.16
N LEU B 158 -7.80 -25.71 -3.52
CA LEU B 158 -8.93 -26.54 -3.95
C LEU B 158 -8.61 -27.27 -5.26
N ASP B 159 -9.28 -28.41 -5.47
CA ASP B 159 -9.27 -29.08 -6.75
C ASP B 159 -10.53 -28.70 -7.49
N THR B 160 -10.47 -28.76 -8.81
CA THR B 160 -11.58 -28.39 -9.67
C THR B 160 -12.93 -28.98 -9.24
N GLU B 161 -12.96 -30.28 -8.98
CA GLU B 161 -14.21 -30.96 -8.74
C GLU B 161 -14.83 -30.59 -7.38
N GLU B 162 -14.01 -30.04 -6.49
CA GLU B 162 -14.46 -29.54 -5.19
C GLU B 162 -15.28 -28.25 -5.29
N LEU B 163 -15.14 -27.52 -6.39
CA LEU B 163 -15.88 -26.26 -6.55
C LEU B 163 -17.36 -26.55 -6.58
N SER B 164 -17.72 -27.78 -6.94
CA SER B 164 -19.14 -28.14 -7.07
C SER B 164 -19.76 -28.69 -5.78
N LEU B 165 -18.95 -28.90 -4.75
CA LEU B 165 -19.47 -29.37 -3.48
C LEU B 165 -20.30 -28.25 -2.88
N PRO B 166 -21.58 -28.52 -2.60
CA PRO B 166 -22.50 -27.46 -2.16
C PRO B 166 -21.96 -26.57 -1.03
N ASP B 167 -21.23 -27.18 -0.10
CA ASP B 167 -20.65 -26.44 1.02
C ASP B 167 -19.49 -25.55 0.60
N ILE B 168 -18.70 -26.03 -0.36
CA ILE B 168 -17.58 -25.27 -0.82
C ILE B 168 -18.04 -24.06 -1.63
N SER B 169 -18.97 -24.26 -2.57
CA SER B 169 -19.27 -23.16 -3.48
C SER B 169 -20.17 -22.16 -2.78
N ALA B 170 -20.81 -22.59 -1.71
CA ALA B 170 -21.58 -21.69 -0.85
C ALA B 170 -20.63 -20.76 -0.09
N GLU B 171 -19.47 -21.26 0.30
CA GLU B 171 -18.52 -20.39 0.98
C GLU B 171 -17.78 -19.48 0.00
N ILE B 172 -17.53 -19.96 -1.20
CA ILE B 172 -16.86 -19.15 -2.21
C ILE B 172 -17.78 -17.99 -2.59
N ALA B 173 -19.08 -18.28 -2.70
CA ALA B 173 -20.07 -17.25 -3.00
C ALA B 173 -20.04 -16.18 -1.91
N GLU B 174 -20.07 -16.64 -0.67
CA GLU B 174 -20.10 -15.75 0.48
C GLU B 174 -18.84 -14.90 0.52
N LYS B 175 -17.70 -15.51 0.25
CA LYS B 175 -16.42 -14.79 0.27
C LYS B 175 -16.28 -13.81 -0.90
N MET B 176 -16.80 -14.18 -2.05
CA MET B 176 -16.74 -13.31 -3.22
C MET B 176 -17.66 -12.10 -3.00
N ALA B 177 -18.81 -12.32 -2.40
CA ALA B 177 -19.72 -11.22 -2.13
C ALA B 177 -19.07 -10.25 -1.16
N THR B 178 -18.32 -10.78 -0.20
CA THR B 178 -17.64 -9.96 0.80
C THR B 178 -16.51 -9.14 0.18
N PHE B 179 -15.65 -9.84 -0.56
CA PHE B 179 -14.65 -9.21 -1.40
C PHE B 179 -15.28 -8.07 -2.23
N HIS B 180 -16.52 -8.28 -2.68
CA HIS B 180 -17.19 -7.35 -3.59
C HIS B 180 -17.72 -6.09 -2.91
N GLY B 181 -17.82 -6.11 -1.59
CA GLY B 181 -18.35 -4.96 -0.89
C GLY B 181 -17.27 -4.03 -0.36
N MET B 182 -16.02 -4.38 -0.60
CA MET B 182 -14.89 -3.60 -0.13
C MET B 182 -14.61 -2.34 -0.94
N LYS B 183 -14.33 -1.24 -0.24
CA LYS B 183 -13.88 -0.02 -0.91
C LYS B 183 -12.39 -0.12 -1.14
N MET B 184 -11.95 0.22 -2.34
CA MET B 184 -10.53 0.23 -2.64
C MET B 184 -10.19 1.53 -3.36
N PRO B 185 -8.99 2.08 -3.10
CA PRO B 185 -8.59 3.41 -3.59
C PRO B 185 -8.31 3.42 -5.07
N PHE B 186 -9.10 2.68 -5.83
CA PHE B 186 -8.83 2.51 -7.25
C PHE B 186 -9.98 3.01 -8.12
N ASN B 187 -9.72 3.13 -9.41
CA ASN B 187 -10.70 3.66 -10.35
C ASN B 187 -11.97 2.80 -10.32
N LYS B 188 -13.12 3.42 -10.10
CA LYS B 188 -14.39 2.74 -9.92
C LYS B 188 -15.10 2.60 -11.26
N GLU B 189 -14.46 3.08 -12.30
CA GLU B 189 -15.06 3.13 -13.63
C GLU B 189 -14.71 1.82 -14.33
N PRO B 190 -15.73 1.07 -14.78
CA PRO B 190 -15.51 -0.29 -15.30
C PRO B 190 -14.78 -0.33 -16.64
N LYS B 191 -13.52 0.10 -16.67
CA LYS B 191 -12.73 0.12 -17.90
C LYS B 191 -12.11 -1.26 -18.13
N TRP B 192 -11.88 -1.98 -17.04
CA TRP B 192 -11.01 -3.16 -17.09
C TRP B 192 -11.43 -4.12 -18.20
N LEU B 193 -12.69 -4.55 -18.20
CA LEU B 193 -13.09 -5.71 -18.99
C LEU B 193 -12.82 -5.61 -20.48
N PHE B 194 -13.34 -4.56 -21.12
CA PHE B 194 -13.13 -4.40 -22.54
C PHE B 194 -11.79 -3.74 -22.85
N GLY B 195 -11.25 -3.02 -21.88
CA GLY B 195 -9.95 -2.42 -22.07
C GLY B 195 -8.93 -3.53 -22.22
N THR B 196 -8.99 -4.51 -21.35
CA THR B 196 -8.03 -5.61 -21.36
C THR B 196 -8.22 -6.47 -22.59
N MET B 197 -9.48 -6.67 -23.00
CA MET B 197 -9.75 -7.50 -24.17
C MET B 197 -9.29 -6.84 -25.46
N GLU B 198 -9.51 -5.54 -25.59
CA GLU B 198 -8.95 -4.78 -26.69
C GLU B 198 -7.43 -4.85 -26.69
N LYS B 199 -6.84 -4.65 -25.51
CA LYS B 199 -5.39 -4.69 -25.40
C LYS B 199 -4.87 -6.03 -25.90
N TYR B 200 -5.55 -7.11 -25.52
CA TYR B 200 -5.11 -8.46 -25.89
C TYR B 200 -5.40 -8.75 -27.35
N LEU B 201 -6.58 -8.35 -27.80
CA LEU B 201 -6.95 -8.57 -29.19
C LEU B 201 -5.88 -7.97 -30.10
N LYS B 202 -5.46 -6.76 -29.78
CA LYS B 202 -4.52 -5.99 -30.60
C LYS B 202 -3.16 -6.68 -30.64
N GLU B 203 -2.73 -7.17 -29.48
CA GLU B 203 -1.51 -7.99 -29.41
C GLU B 203 -1.64 -9.18 -30.34
N VAL B 204 -2.73 -9.94 -30.18
CA VAL B 204 -2.95 -11.15 -30.97
C VAL B 204 -2.83 -10.91 -32.47
N LEU B 205 -3.31 -9.76 -32.93
CA LEU B 205 -3.29 -9.49 -34.37
C LEU B 205 -1.89 -9.04 -34.82
N ARG B 206 -0.97 -8.98 -33.86
CA ARG B 206 0.43 -8.67 -34.16
C ARG B 206 1.32 -9.88 -33.96
N ILE B 207 0.77 -10.94 -33.38
CA ILE B 207 1.57 -12.10 -33.07
C ILE B 207 1.89 -12.90 -34.32
N LYS B 208 3.17 -13.19 -34.53
CA LYS B 208 3.60 -14.12 -35.56
C LYS B 208 4.34 -15.26 -34.88
N PHE B 209 3.93 -16.49 -35.17
CA PHE B 209 4.58 -17.68 -34.60
C PHE B 209 5.51 -18.36 -35.60
N THR B 210 6.58 -18.98 -35.10
CA THR B 210 7.52 -19.68 -35.97
C THR B 210 7.05 -21.09 -36.34
N GLU B 211 6.79 -21.94 -35.36
CA GLU B 211 6.46 -23.33 -35.65
C GLU B 211 5.10 -23.44 -36.33
N GLU B 212 5.00 -24.34 -37.31
CA GLU B 212 3.81 -24.48 -38.13
C GLU B 212 2.54 -24.74 -37.31
N SER B 213 2.69 -25.55 -36.25
CA SER B 213 1.57 -25.90 -35.37
C SER B 213 0.89 -24.67 -34.78
N ARG B 214 1.68 -23.78 -34.17
CA ARG B 214 1.13 -22.55 -33.60
C ARG B 214 0.55 -21.63 -34.66
N ILE B 215 1.23 -21.52 -35.79
CA ILE B 215 0.69 -20.77 -36.92
C ILE B 215 -0.67 -21.31 -37.32
N LYS B 216 -0.75 -22.63 -37.51
CA LYS B 216 -2.01 -23.28 -37.86
C LYS B 216 -3.09 -22.93 -36.83
N LYS B 217 -2.76 -23.13 -35.55
CA LYS B 217 -3.76 -22.92 -34.49
C LYS B 217 -4.21 -21.47 -34.41
N LEU B 218 -3.25 -20.55 -34.53
CA LEU B 218 -3.57 -19.13 -34.50
C LEU B 218 -4.50 -18.79 -35.64
N HIS B 219 -4.18 -19.36 -36.80
CA HIS B 219 -4.97 -19.15 -38.02
C HIS B 219 -6.41 -19.63 -37.85
N LYS B 220 -6.62 -20.77 -37.21
CA LYS B 220 -7.99 -21.23 -36.98
C LYS B 220 -8.73 -20.29 -36.04
N LEU B 221 -8.02 -19.75 -35.06
CA LEU B 221 -8.58 -18.81 -34.11
C LEU B 221 -8.92 -17.45 -34.74
N LEU B 222 -8.01 -16.92 -35.56
CA LEU B 222 -8.25 -15.67 -36.28
C LEU B 222 -9.42 -15.77 -37.26
N SER B 223 -9.74 -16.99 -37.66
CA SER B 223 -10.82 -17.23 -38.60
C SER B 223 -12.21 -17.08 -37.99
N TYR B 224 -12.29 -16.84 -36.68
CA TYR B 224 -13.57 -16.49 -36.07
C TYR B 224 -13.92 -15.01 -36.24
N ASN B 225 -12.99 -14.25 -36.80
CA ASN B 225 -13.15 -12.80 -36.90
C ASN B 225 -13.32 -12.23 -35.49
N LEU B 226 -12.26 -12.33 -34.70
CA LEU B 226 -12.28 -11.89 -33.33
C LEU B 226 -12.69 -10.42 -33.14
N PRO B 227 -12.25 -9.52 -34.04
CA PRO B 227 -12.65 -8.11 -33.89
C PRO B 227 -14.16 -7.95 -33.96
N LEU B 228 -14.76 -8.62 -34.93
CA LEU B 228 -16.19 -8.54 -35.12
C LEU B 228 -16.91 -9.14 -33.91
N GLU B 229 -16.42 -10.28 -33.45
CA GLU B 229 -17.08 -11.03 -32.40
C GLU B 229 -17.03 -10.26 -31.08
N LEU B 230 -15.91 -9.57 -30.84
CA LEU B 230 -15.79 -8.67 -29.70
C LEU B 230 -16.90 -7.64 -29.69
N GLU B 231 -17.26 -7.13 -30.87
CA GLU B 231 -18.29 -6.09 -30.97
C GLU B 231 -19.67 -6.68 -30.77
N ASN B 232 -19.81 -7.96 -31.10
CA ASN B 232 -21.08 -8.65 -30.89
C ASN B 232 -21.25 -8.83 -29.38
N LEU B 233 -20.13 -9.11 -28.71
CA LEU B 233 -20.13 -9.34 -27.28
C LEU B 233 -20.36 -8.03 -26.52
N ARG B 234 -19.78 -6.94 -27.02
CA ARG B 234 -19.97 -5.63 -26.42
C ARG B 234 -21.46 -5.27 -26.41
N SER B 235 -22.10 -5.47 -27.55
CA SER B 235 -23.53 -5.22 -27.67
C SER B 235 -24.29 -5.96 -26.58
N LEU B 236 -23.99 -7.25 -26.45
CA LEU B 236 -24.76 -8.09 -25.58
C LEU B 236 -24.58 -7.62 -24.14
N LEU B 237 -23.35 -7.30 -23.77
CA LEU B 237 -23.05 -7.04 -22.37
C LEU B 237 -23.48 -5.64 -21.96
N GLU B 238 -23.35 -4.68 -22.87
CA GLU B 238 -23.90 -3.35 -22.64
C GLU B 238 -25.38 -3.38 -22.27
N SER B 239 -26.12 -4.34 -22.81
CA SER B 239 -27.55 -4.38 -22.59
C SER B 239 -27.89 -5.26 -21.40
N THR B 240 -26.86 -5.63 -20.65
CA THR B 240 -27.00 -6.51 -19.49
C THR B 240 -26.54 -5.81 -18.22
N PRO B 241 -27.48 -5.26 -17.44
CA PRO B 241 -27.14 -4.56 -16.20
C PRO B 241 -26.33 -5.41 -15.24
N SER B 242 -25.20 -4.90 -14.77
CA SER B 242 -24.42 -5.59 -13.76
C SER B 242 -23.66 -4.58 -12.89
N PRO B 243 -23.92 -4.59 -11.58
CA PRO B 243 -23.28 -3.62 -10.69
C PRO B 243 -21.76 -3.73 -10.77
N VAL B 244 -21.10 -2.57 -10.73
CA VAL B 244 -19.63 -2.50 -10.73
C VAL B 244 -19.14 -2.63 -9.31
N VAL B 245 -18.20 -3.53 -9.08
CA VAL B 245 -17.68 -3.75 -7.74
C VAL B 245 -16.23 -4.14 -7.86
N PHE B 246 -15.57 -4.32 -6.71
CA PHE B 246 -14.19 -4.77 -6.68
C PHE B 246 -14.12 -6.28 -6.90
N CYS B 247 -13.68 -6.67 -8.09
CA CYS B 247 -13.71 -8.06 -8.53
C CYS B 247 -12.38 -8.74 -8.32
N HIS B 248 -12.42 -9.99 -7.91
CA HIS B 248 -11.19 -10.78 -7.89
C HIS B 248 -10.70 -11.03 -9.30
N ASN B 249 -11.63 -11.26 -10.22
CA ASN B 249 -11.32 -11.46 -11.65
C ASN B 249 -10.57 -12.73 -12.02
N ASP B 250 -10.18 -13.55 -11.05
CA ASP B 250 -9.43 -14.77 -11.38
C ASP B 250 -9.74 -15.88 -10.40
N CYS B 251 -10.98 -15.92 -9.95
CA CYS B 251 -11.41 -16.81 -8.88
C CYS B 251 -11.46 -18.27 -9.29
N GLN B 252 -10.29 -18.84 -9.55
CA GLN B 252 -10.20 -20.24 -9.94
C GLN B 252 -9.68 -21.08 -8.77
N GLU B 253 -9.92 -22.39 -8.82
CA GLU B 253 -9.65 -23.24 -7.67
C GLU B 253 -8.21 -23.14 -7.15
N GLY B 254 -7.26 -22.81 -8.03
CA GLY B 254 -5.88 -22.69 -7.58
C GLY B 254 -5.63 -21.45 -6.75
N ASN B 255 -6.61 -20.55 -6.71
CA ASN B 255 -6.50 -19.33 -5.89
C ASN B 255 -7.37 -19.38 -4.63
N ILE B 256 -7.94 -20.55 -4.34
CA ILE B 256 -8.75 -20.75 -3.15
C ILE B 256 -8.08 -21.77 -2.22
N LEU B 257 -7.68 -21.31 -1.03
CA LEU B 257 -7.06 -22.16 -0.03
C LEU B 257 -8.09 -22.85 0.84
N LEU B 258 -7.93 -24.16 1.02
CA LEU B 258 -8.61 -24.89 2.08
C LEU B 258 -7.71 -24.86 3.31
N LEU B 259 -8.15 -24.15 4.35
CA LEU B 259 -7.30 -23.88 5.49
C LEU B 259 -7.24 -25.13 6.35
N GLU B 260 -6.04 -25.61 6.63
CA GLU B 260 -5.95 -26.88 7.35
C GLU B 260 -6.36 -26.67 8.81
N GLY B 261 -6.96 -27.71 9.39
CA GLY B 261 -7.45 -27.61 10.75
C GLY B 261 -8.87 -27.12 10.86
N ARG B 262 -9.51 -26.84 9.73
CA ARG B 262 -10.94 -26.49 9.77
C ARG B 262 -11.68 -27.04 8.56
N GLU B 263 -11.04 -28.01 7.91
CA GLU B 263 -11.68 -28.79 6.87
C GLU B 263 -13.06 -29.29 7.31
N ASN B 264 -13.35 -29.19 8.61
CA ASN B 264 -14.64 -29.59 9.16
C ASN B 264 -15.57 -28.41 9.39
N SER B 265 -15.01 -27.21 9.30
CA SER B 265 -15.83 -26.00 9.37
C SER B 265 -16.74 -25.99 8.15
N GLU B 266 -18.00 -25.60 8.35
CA GLU B 266 -18.94 -25.71 7.26
C GLU B 266 -19.05 -24.44 6.43
N LYS B 267 -18.61 -23.31 6.97
CA LYS B 267 -18.69 -22.05 6.24
C LYS B 267 -17.45 -21.19 6.36
N GLN B 268 -16.42 -21.72 7.02
CA GLN B 268 -15.22 -20.95 7.30
C GLN B 268 -13.93 -21.73 7.08
N LYS B 269 -13.87 -22.53 6.03
CA LYS B 269 -12.66 -23.31 5.77
C LYS B 269 -11.83 -22.81 4.57
N LEU B 270 -12.30 -21.74 3.93
CA LEU B 270 -11.63 -21.25 2.72
C LEU B 270 -11.07 -19.84 2.85
N MET B 271 -10.03 -19.56 2.08
CA MET B 271 -9.58 -18.18 1.88
C MET B 271 -9.25 -17.93 0.40
N LEU B 272 -9.73 -16.82 -0.15
CA LEU B 272 -9.36 -16.41 -1.50
C LEU B 272 -8.01 -15.71 -1.50
N ILE B 273 -7.17 -16.04 -2.47
CA ILE B 273 -5.87 -15.38 -2.57
C ILE B 273 -5.58 -14.93 -4.00
N ASP B 274 -4.36 -14.44 -4.19
CA ASP B 274 -3.89 -14.00 -5.49
C ASP B 274 -4.80 -13.02 -6.20
N PHE B 275 -4.65 -11.76 -5.84
CA PHE B 275 -5.54 -10.71 -6.32
C PHE B 275 -4.90 -9.91 -7.44
N GLU B 276 -3.90 -10.48 -8.09
CA GLU B 276 -3.13 -9.74 -9.07
C GLU B 276 -3.93 -9.17 -10.23
N TYR B 277 -5.06 -9.79 -10.56
CA TYR B 277 -5.92 -9.29 -11.63
C TYR B 277 -7.14 -8.51 -11.12
N SER B 278 -7.24 -8.34 -9.79
CA SER B 278 -8.38 -7.66 -9.18
C SER B 278 -8.52 -6.23 -9.67
N SER B 279 -9.75 -5.76 -9.73
CA SER B 279 -10.03 -4.42 -10.23
C SER B 279 -11.51 -4.20 -10.08
N TYR B 280 -11.96 -2.95 -10.25
CA TYR B 280 -13.39 -2.71 -10.33
C TYR B 280 -13.84 -3.18 -11.70
N ASN B 281 -14.96 -3.89 -11.72
CA ASN B 281 -15.35 -4.61 -12.91
C ASN B 281 -16.79 -5.03 -12.68
N TYR B 282 -17.45 -5.47 -13.73
CA TYR B 282 -18.82 -5.96 -13.61
C TYR B 282 -18.88 -7.22 -12.75
N ARG B 283 -19.78 -7.21 -11.77
CA ARG B 283 -19.99 -8.36 -10.90
C ARG B 283 -20.20 -9.67 -11.68
N GLY B 284 -20.90 -9.58 -12.80
CA GLY B 284 -21.28 -10.79 -13.51
C GLY B 284 -20.06 -11.51 -14.02
N PHE B 285 -18.99 -10.74 -14.26
CA PHE B 285 -17.76 -11.34 -14.73
C PHE B 285 -17.06 -12.21 -13.68
N ASP B 286 -17.04 -11.75 -12.43
CA ASP B 286 -16.35 -12.50 -11.39
C ASP B 286 -17.11 -13.82 -11.20
N ILE B 287 -18.43 -13.76 -11.20
CA ILE B 287 -19.22 -14.97 -10.97
C ILE B 287 -19.14 -15.85 -12.22
N GLY B 288 -19.46 -15.27 -13.37
CA GLY B 288 -19.37 -16.03 -14.60
C GLY B 288 -18.01 -16.68 -14.77
N ASN B 289 -16.95 -15.91 -14.57
CA ASN B 289 -15.62 -16.48 -14.68
C ASN B 289 -15.45 -17.70 -13.75
N HIS B 290 -15.84 -17.55 -12.50
CA HIS B 290 -15.70 -18.65 -11.57
C HIS B 290 -16.49 -19.88 -12.06
N PHE B 291 -17.65 -19.67 -12.66
CA PHE B 291 -18.50 -20.78 -13.11
C PHE B 291 -17.78 -21.51 -14.24
N CYS B 292 -17.20 -20.73 -15.16
CA CYS B 292 -16.36 -21.26 -16.22
C CYS B 292 -15.26 -22.18 -15.68
N GLU B 293 -14.66 -21.79 -14.55
CA GLU B 293 -13.55 -22.53 -13.97
C GLU B 293 -13.92 -23.93 -13.50
N TRP B 294 -15.21 -24.22 -13.41
CA TRP B 294 -15.67 -25.57 -13.10
C TRP B 294 -15.31 -26.53 -14.24
N MET B 295 -15.18 -25.98 -15.44
CA MET B 295 -14.91 -26.81 -16.62
C MET B 295 -13.43 -27.15 -16.80
N TYR B 296 -12.55 -26.43 -16.11
CA TYR B 296 -11.13 -26.52 -16.39
C TYR B 296 -10.31 -27.02 -15.22
N ASP B 297 -9.62 -28.15 -15.44
CA ASP B 297 -8.78 -28.76 -14.43
C ASP B 297 -7.34 -28.69 -14.89
N TYR B 298 -6.52 -27.96 -14.13
CA TYR B 298 -5.18 -27.64 -14.60
C TYR B 298 -4.16 -28.59 -14.02
N SER B 299 -4.61 -29.67 -13.38
CA SER B 299 -3.68 -30.55 -12.70
C SER B 299 -3.24 -31.70 -13.59
N TYR B 300 -3.88 -31.81 -14.75
CA TYR B 300 -3.52 -32.83 -15.72
C TYR B 300 -2.00 -32.84 -15.87
N GLU B 301 -1.43 -34.04 -15.93
CA GLU B 301 0.02 -34.20 -15.85
C GLU B 301 0.64 -34.44 -17.23
N LYS B 302 -0.20 -34.60 -18.24
CA LYS B 302 0.28 -34.69 -19.62
C LYS B 302 -0.16 -33.48 -20.44
N TYR B 303 0.67 -33.10 -21.40
CA TYR B 303 0.34 -32.01 -22.34
C TYR B 303 -1.08 -32.18 -22.89
N PRO B 304 -1.86 -31.07 -22.99
CA PRO B 304 -1.53 -29.67 -22.77
C PRO B 304 -1.60 -29.22 -21.32
N PHE B 305 -1.71 -30.18 -20.39
CA PHE B 305 -1.68 -29.90 -18.96
C PHE B 305 -2.92 -29.21 -18.43
N PHE B 306 -4.03 -29.42 -19.13
CA PHE B 306 -5.35 -29.10 -18.59
C PHE B 306 -6.34 -30.04 -19.25
N ARG B 307 -7.50 -30.22 -18.62
CA ARG B 307 -8.65 -30.83 -19.27
C ARG B 307 -9.82 -29.85 -19.28
N ALA B 308 -10.51 -29.77 -20.41
CA ALA B 308 -11.79 -29.06 -20.44
C ALA B 308 -12.93 -30.08 -20.39
N ASN B 309 -13.92 -29.83 -19.55
CA ASN B 309 -15.13 -30.65 -19.55
C ASN B 309 -16.36 -29.77 -19.52
N ILE B 310 -16.98 -29.59 -20.69
CA ILE B 310 -18.13 -28.71 -20.83
C ILE B 310 -19.30 -29.12 -19.93
N ARG B 311 -19.48 -30.43 -19.78
CA ARG B 311 -20.55 -30.99 -18.96
C ARG B 311 -20.46 -30.61 -17.48
N LYS B 312 -19.29 -30.12 -17.06
CA LYS B 312 -19.07 -29.80 -15.65
C LYS B 312 -19.44 -28.36 -15.30
N TYR B 313 -19.77 -27.57 -16.31
CA TYR B 313 -20.34 -26.26 -16.06
C TYR B 313 -21.53 -26.44 -15.12
N PRO B 314 -21.67 -25.57 -14.10
CA PRO B 314 -22.75 -25.69 -13.13
C PRO B 314 -24.16 -25.69 -13.73
N THR B 315 -24.99 -26.63 -13.28
CA THR B 315 -26.39 -26.70 -13.72
C THR B 315 -27.15 -25.52 -13.10
N LYS B 316 -28.35 -25.25 -13.60
CA LYS B 316 -29.15 -24.15 -13.05
C LYS B 316 -29.28 -24.28 -11.54
N LYS B 317 -29.51 -25.50 -11.09
CA LYS B 317 -29.70 -25.76 -9.67
C LYS B 317 -28.42 -25.36 -8.91
N GLN B 318 -27.29 -25.85 -9.41
CA GLN B 318 -26.01 -25.48 -8.83
C GLN B 318 -25.76 -23.96 -8.91
N GLN B 319 -26.22 -23.32 -9.98
CA GLN B 319 -26.09 -21.88 -10.11
C GLN B 319 -26.95 -21.18 -9.08
N LEU B 320 -28.21 -21.59 -8.98
CA LEU B 320 -29.11 -21.00 -8.00
C LEU B 320 -28.57 -21.16 -6.59
N HIS B 321 -27.80 -22.22 -6.36
CA HIS B 321 -27.26 -22.48 -5.03
C HIS B 321 -26.08 -21.56 -4.71
N PHE B 322 -25.25 -21.26 -5.70
CA PHE B 322 -24.15 -20.31 -5.49
C PHE B 322 -24.73 -18.94 -5.23
N ILE B 323 -25.63 -18.47 -6.08
CA ILE B 323 -26.10 -17.10 -5.93
C ILE B 323 -27.05 -16.95 -4.74
N SER B 324 -27.82 -17.99 -4.42
CA SER B 324 -28.61 -17.97 -3.19
C SER B 324 -27.74 -17.74 -1.94
N SER B 325 -26.45 -18.07 -2.02
CA SER B 325 -25.53 -17.72 -0.95
C SER B 325 -24.90 -16.34 -1.16
N TYR B 326 -24.64 -16.00 -2.42
CA TYR B 326 -23.98 -14.73 -2.75
C TYR B 326 -24.84 -13.55 -2.30
N LEU B 327 -26.12 -13.59 -2.63
CA LEU B 327 -26.96 -12.41 -2.52
C LEU B 327 -27.14 -11.90 -1.09
N PRO B 328 -27.54 -12.78 -0.17
CA PRO B 328 -27.66 -12.37 1.24
C PRO B 328 -26.37 -11.71 1.72
N ALA B 329 -25.25 -12.23 1.24
CA ALA B 329 -23.93 -11.77 1.67
C ALA B 329 -23.56 -10.42 1.02
N PHE B 330 -24.21 -10.10 -0.10
CA PHE B 330 -23.85 -8.91 -0.85
C PHE B 330 -24.71 -7.68 -0.53
N GLN B 331 -26.02 -7.89 -0.38
CA GLN B 331 -26.91 -6.88 0.18
C GLN B 331 -27.62 -7.48 1.38
N ASN B 332 -27.29 -7.00 2.58
CA ASN B 332 -27.75 -7.65 3.81
C ASN B 332 -29.28 -7.65 3.95
N ASP B 333 -29.95 -6.81 3.18
CA ASP B 333 -31.40 -6.71 3.22
C ASP B 333 -32.08 -7.75 2.33
N PHE B 334 -31.32 -8.39 1.45
CA PHE B 334 -31.89 -9.31 0.47
C PHE B 334 -32.72 -10.42 1.11
N GLU B 335 -32.25 -10.92 2.24
CA GLU B 335 -32.90 -12.06 2.88
C GLU B 335 -34.35 -11.74 3.27
N ASN B 336 -34.61 -10.49 3.62
CA ASN B 336 -35.96 -10.06 4.04
C ASN B 336 -36.89 -9.72 2.87
N LEU B 337 -36.51 -10.05 1.65
CA LEU B 337 -37.36 -9.79 0.50
C LEU B 337 -38.40 -10.87 0.30
N SER B 338 -39.47 -10.51 -0.40
CA SER B 338 -40.57 -11.45 -0.65
C SER B 338 -40.09 -12.62 -1.48
N THR B 339 -40.39 -13.83 -1.02
CA THR B 339 -40.07 -15.04 -1.77
C THR B 339 -40.13 -14.83 -3.29
N GLU B 340 -41.16 -14.14 -3.76
CA GLU B 340 -41.35 -13.90 -5.19
C GLU B 340 -40.31 -12.93 -5.75
N GLU B 341 -39.98 -11.91 -4.97
CA GLU B 341 -39.04 -10.90 -5.42
C GLU B 341 -37.63 -11.46 -5.48
N LYS B 342 -37.32 -12.35 -4.54
CA LYS B 342 -36.03 -13.03 -4.54
C LYS B 342 -35.82 -13.81 -5.83
N SER B 343 -36.86 -14.47 -6.31
CA SER B 343 -36.76 -15.26 -7.53
C SER B 343 -36.71 -14.35 -8.76
N ILE B 344 -37.40 -13.23 -8.70
CA ILE B 344 -37.29 -12.23 -9.76
C ILE B 344 -35.82 -11.87 -9.92
N ILE B 345 -35.16 -11.64 -8.78
CA ILE B 345 -33.79 -11.19 -8.76
C ILE B 345 -32.84 -12.31 -9.17
N LYS B 346 -33.07 -13.50 -8.64
CA LYS B 346 -32.25 -14.66 -8.96
C LYS B 346 -32.31 -15.04 -10.43
N GLU B 347 -33.50 -15.05 -10.99
CA GLU B 347 -33.63 -15.37 -12.40
C GLU B 347 -32.86 -14.37 -13.25
N GLU B 348 -32.88 -13.11 -12.84
CA GLU B 348 -32.19 -12.05 -13.56
C GLU B 348 -30.68 -12.21 -13.43
N MET B 349 -30.24 -12.49 -12.22
CA MET B 349 -28.82 -12.70 -11.97
C MET B 349 -28.26 -13.87 -12.79
N LEU B 350 -29.08 -14.89 -13.00
CA LEU B 350 -28.68 -16.04 -13.83
C LEU B 350 -28.42 -15.59 -15.27
N LEU B 351 -29.34 -14.81 -15.82
CA LEU B 351 -29.13 -14.25 -17.15
C LEU B 351 -27.83 -13.45 -17.15
N GLU B 352 -27.65 -12.66 -16.11
CA GLU B 352 -26.53 -11.72 -16.01
C GLU B 352 -25.17 -12.41 -16.02
N VAL B 353 -25.02 -13.45 -15.22
CA VAL B 353 -23.73 -14.06 -15.03
C VAL B 353 -23.39 -15.04 -16.15
N ASN B 354 -24.41 -15.63 -16.76
CA ASN B 354 -24.14 -16.57 -17.83
C ASN B 354 -23.73 -15.81 -19.08
N ARG B 355 -24.23 -14.58 -19.22
CA ARG B 355 -23.81 -13.72 -20.30
C ARG B 355 -22.37 -13.24 -20.12
N PHE B 356 -22.04 -12.73 -18.94
CA PHE B 356 -20.68 -12.30 -18.68
C PHE B 356 -19.69 -13.47 -18.70
N ALA B 357 -20.20 -14.68 -18.51
CA ALA B 357 -19.35 -15.85 -18.62
C ALA B 357 -18.69 -15.91 -20.00
N LEU B 358 -19.35 -15.36 -21.01
CA LEU B 358 -18.80 -15.31 -22.37
C LEU B 358 -17.56 -14.44 -22.45
N ALA B 359 -17.56 -13.36 -21.66
CA ALA B 359 -16.41 -12.48 -21.58
C ALA B 359 -15.25 -13.21 -20.90
N SER B 360 -15.56 -14.10 -19.96
CA SER B 360 -14.50 -14.88 -19.35
C SER B 360 -13.76 -15.70 -20.42
N HIS B 361 -14.53 -16.43 -21.25
CA HIS B 361 -13.96 -17.21 -22.33
C HIS B 361 -13.19 -16.35 -23.32
N PHE B 362 -13.76 -15.19 -23.66
CA PHE B 362 -13.16 -14.37 -24.70
C PHE B 362 -11.86 -13.76 -24.18
N LEU B 363 -11.92 -13.18 -22.99
CA LEU B 363 -10.75 -12.53 -22.42
C LEU B 363 -9.62 -13.53 -22.23
N TRP B 364 -9.92 -14.67 -21.62
CA TRP B 364 -8.86 -15.61 -21.26
C TRP B 364 -8.39 -16.39 -22.47
N GLY B 365 -9.26 -16.54 -23.46
CA GLY B 365 -8.83 -17.06 -24.74
C GLY B 365 -7.76 -16.17 -25.33
N LEU B 366 -8.06 -14.88 -25.49
CA LEU B 366 -7.10 -13.94 -26.05
C LEU B 366 -5.83 -13.96 -25.21
N TRP B 367 -6.00 -13.84 -23.89
CA TRP B 367 -4.88 -13.86 -22.96
C TRP B 367 -3.99 -15.06 -23.26
N SER B 368 -4.63 -16.19 -23.50
CA SER B 368 -3.89 -17.44 -23.62
C SER B 368 -3.04 -17.44 -24.89
N ILE B 369 -3.59 -16.91 -25.98
CA ILE B 369 -2.81 -16.75 -27.20
C ILE B 369 -1.55 -15.92 -27.04
N VAL B 370 -1.66 -14.77 -26.36
CA VAL B 370 -0.48 -13.99 -26.00
C VAL B 370 0.51 -14.78 -25.14
N GLN B 371 0.02 -15.46 -24.11
CA GLN B 371 0.92 -16.22 -23.23
C GLN B 371 1.73 -17.24 -24.02
N ALA B 372 1.13 -17.78 -25.08
CA ALA B 372 1.80 -18.78 -25.89
C ALA B 372 3.09 -18.23 -26.50
N LYS B 373 3.03 -16.99 -26.98
CA LYS B 373 4.18 -16.39 -27.64
C LYS B 373 5.29 -16.05 -26.66
N ILE B 374 4.94 -15.76 -25.41
CA ILE B 374 5.88 -15.12 -24.50
C ILE B 374 6.21 -15.91 -23.25
N SER B 375 5.32 -16.81 -22.85
CA SER B 375 5.56 -17.54 -21.60
C SER B 375 6.52 -18.68 -21.85
N SER B 376 7.28 -19.04 -20.81
CA SER B 376 8.18 -20.20 -20.86
C SER B 376 7.48 -21.39 -20.22
N ILE B 377 6.74 -21.10 -19.14
CA ILE B 377 5.93 -22.08 -18.42
C ILE B 377 5.37 -23.12 -19.37
N GLU B 378 5.65 -24.39 -19.10
CA GLU B 378 5.12 -25.47 -19.91
C GLU B 378 3.60 -25.60 -19.68
N PHE B 379 2.84 -25.29 -20.73
CA PHE B 379 1.38 -25.32 -20.68
C PHE B 379 0.86 -25.11 -22.10
N GLY B 380 -0.05 -25.97 -22.54
CA GLY B 380 -0.54 -25.86 -23.89
C GLY B 380 -1.48 -24.67 -24.06
N TYR B 381 -0.91 -23.49 -24.27
CA TYR B 381 -1.70 -22.29 -24.28
C TYR B 381 -2.66 -22.18 -25.44
N MET B 382 -2.18 -22.52 -26.64
CA MET B 382 -3.03 -22.43 -27.83
C MET B 382 -4.20 -23.39 -27.74
N ASP B 383 -3.98 -24.61 -27.24
CA ASP B 383 -5.07 -25.55 -27.09
C ASP B 383 -6.10 -25.04 -26.06
N TYR B 384 -5.63 -24.55 -24.92
CA TYR B 384 -6.48 -23.87 -23.96
C TYR B 384 -7.21 -22.68 -24.58
N ALA B 385 -6.53 -21.89 -25.39
CA ALA B 385 -7.22 -20.82 -26.12
C ALA B 385 -8.33 -21.44 -26.98
N GLN B 386 -7.99 -22.48 -27.73
CA GLN B 386 -9.00 -23.10 -28.59
C GLN B 386 -10.14 -23.64 -27.74
N ALA B 387 -9.84 -24.13 -26.55
CA ALA B 387 -10.89 -24.62 -25.67
C ALA B 387 -11.78 -23.48 -25.21
N ARG B 388 -11.19 -22.38 -24.79
CA ARG B 388 -11.99 -21.28 -24.27
C ARG B 388 -12.89 -20.76 -25.37
N PHE B 389 -12.37 -20.69 -26.59
CA PHE B 389 -13.20 -20.20 -27.67
C PHE B 389 -14.30 -21.16 -28.08
N ASP B 390 -14.05 -22.46 -28.00
CA ASP B 390 -15.13 -23.42 -28.24
C ASP B 390 -16.23 -23.23 -27.20
N ALA B 391 -15.85 -23.12 -25.93
CA ALA B 391 -16.82 -22.95 -24.86
C ALA B 391 -17.55 -21.62 -25.05
N TYR B 392 -16.85 -20.65 -25.63
CA TYR B 392 -17.46 -19.38 -25.94
C TYR B 392 -18.65 -19.61 -26.88
N PHE B 393 -18.37 -20.20 -28.03
CA PHE B 393 -19.42 -20.38 -29.03
C PHE B 393 -20.47 -21.39 -28.59
N HIS B 394 -20.08 -22.36 -27.76
CA HIS B 394 -21.05 -23.30 -27.24
C HIS B 394 -22.01 -22.58 -26.31
N GLN B 395 -21.47 -21.66 -25.52
CA GLN B 395 -22.28 -20.91 -24.58
C GLN B 395 -23.19 -19.92 -25.30
N LYS B 396 -22.70 -19.31 -26.38
CA LYS B 396 -23.57 -18.44 -27.19
C LYS B 396 -24.79 -19.20 -27.73
N ARG B 397 -24.55 -20.38 -28.30
CA ARG B 397 -25.63 -21.22 -28.81
C ARG B 397 -26.57 -21.61 -27.67
N LYS B 398 -26.01 -21.93 -26.51
CA LYS B 398 -26.82 -22.35 -25.37
C LYS B 398 -27.73 -21.22 -24.92
N LEU B 399 -27.20 -20.00 -24.91
CA LEU B 399 -27.97 -18.85 -24.47
C LEU B 399 -28.85 -18.31 -25.59
N GLY B 400 -28.60 -18.76 -26.81
CA GLY B 400 -29.34 -18.25 -27.94
C GLY B 400 -29.08 -16.76 -28.19
N VAL B 401 -27.85 -16.32 -27.94
CA VAL B 401 -27.47 -14.93 -28.15
C VAL B 401 -26.45 -14.84 -29.28
N7 5R9 C . 11.68 18.40 7.13
C5 5R9 C . 12.20 20.64 6.16
C6 5R9 C . 11.13 19.59 6.49
C2 5R9 C . 13.68 19.60 8.07
C1 5R9 C . 12.44 18.75 8.35
C3 5R9 C . 13.42 21.10 8.19
N4 5R9 C . 12.41 21.59 7.25
C18 5R9 C . 12.50 17.62 6.21
C22 5R9 C . 12.79 22.89 6.72
C23 5R9 C . 11.61 23.64 6.20
C26 5R9 C . 10.47 23.78 6.97
C27 5R9 C . 9.37 24.47 6.48
C28 5R9 C . 9.38 25.05 5.22
C29 5R9 C . 10.54 24.92 4.46
C30 5R9 C . 11.64 24.21 4.94
N34 5R9 C . 8.31 25.73 4.78
C35 5R9 C . 8.38 26.26 3.55
C36 5R9 C . 9.49 26.16 2.73
C37 5R9 C . 10.60 25.47 3.19
N7 5R9 D . -5.76 -16.66 -14.70
C5 5R9 D . -4.82 -18.62 -15.92
C6 5R9 D . -4.97 -17.88 -14.59
C2 5R9 D . -7.08 -17.53 -16.65
C1 5R9 D . -7.10 -16.95 -15.23
C3 5R9 D . -7.08 -19.05 -16.66
N4 5R9 D . -5.85 -19.63 -16.11
C18 5R9 D . -5.08 -15.67 -15.52
C22 5R9 D . -5.36 -20.70 -16.96
C23 5R9 D . -4.25 -21.47 -16.31
C26 5R9 D . -4.47 -22.13 -15.10
C27 5R9 D . -3.46 -22.83 -14.49
C28 5R9 D . -2.19 -22.89 -15.06
C29 5R9 D . -1.98 -22.24 -16.26
C30 5R9 D . -3.00 -21.53 -16.88
N34 5R9 D . -1.22 -23.60 -14.44
C35 5R9 D . -0.02 -23.62 -15.03
C36 5R9 D . 0.27 -22.99 -16.23
C37 5R9 D . -0.73 -22.28 -16.85
#